data_7EFZ
#
_entry.id   7EFZ
#
_cell.length_a   61.000
_cell.length_b   61.610
_cell.length_c   201.680
_cell.angle_alpha   90.000
_cell.angle_beta   90.000
_cell.angle_gamma   90.000
#
_symmetry.space_group_name_H-M   'P 21 21 21'
#
loop_
_entity.id
_entity.type
_entity.pdbx_description
1 polymer Endoglucanase
2 non-polymer 2-AMINO-2-HYDROXYMETHYL-PROPANE-1,3-DIOL
3 non-polymer 'ISOPROPYL ALCOHOL'
4 water water
#
_entity_poly.entity_id   1
_entity_poly.type   'polypeptide(L)'
_entity_poly.pdbx_seq_one_letter_code
;MGSDKIHHHHHHMNNTIPRWRGFNLLEAFSIKSTGNFKEEDFLWMAQWDFNFVRIPMCHLLWSDRGNPFIIREDFFEKID
RVIFWGEKYGIHICISLHRAPGYSVNKEVEEKTNLWKDETAQEAFIHHWSFIARRYKGISSTHLSFNLINEPPFPDPQIM
SVEDHNSLIKRTITEIRKIDPERLIIIDGLGYGNIPVDDLTIENTVQSCRGYIPFSVTHYKAEWVDSKDFPVPEWPNGWH
FGEYWNREKLLEHYLTWIKLRQKGIEVFCGEMGAYNKTPHDVVLKWLEDLLEIFKTLNIGFALWNFRGPFGILDSERKDV
EYEEWYGHKLDRKMLELLRKY
;
_entity_poly.pdbx_strand_id   A,B
#
# COMPACT_ATOMS: atom_id res chain seq x y z
N PRO A 18 -6.27 6.16 34.22
CA PRO A 18 -7.61 6.60 33.80
C PRO A 18 -7.67 6.88 32.29
N ARG A 19 -8.84 6.71 31.68
CA ARG A 19 -8.96 6.87 30.24
C ARG A 19 -8.58 8.30 29.83
N TRP A 20 -7.74 8.42 28.81
CA TRP A 20 -7.30 9.72 28.33
C TRP A 20 -8.39 10.37 27.49
N ARG A 21 -8.69 11.63 27.82
CA ARG A 21 -9.67 12.45 27.11
C ARG A 21 -9.14 13.86 26.96
N GLY A 22 -9.00 14.32 25.72
CA GLY A 22 -8.45 15.65 25.51
C GLY A 22 -8.23 16.05 24.07
N PHE A 23 -7.07 16.64 23.79
CA PHE A 23 -6.83 17.35 22.56
C PHE A 23 -5.39 17.19 22.09
N ASN A 24 -5.19 17.48 20.80
CA ASN A 24 -3.87 17.79 20.25
C ASN A 24 -3.68 19.30 20.24
N LEU A 25 -2.45 19.73 20.54
CA LEU A 25 -2.04 21.13 20.48
C LEU A 25 -0.97 21.24 19.40
N LEU A 26 -1.09 22.24 18.53
CA LEU A 26 -0.34 22.29 17.29
C LEU A 26 0.72 23.39 17.24
N GLU A 27 1.13 23.93 18.38
CA GLU A 27 2.10 25.02 18.34
C GLU A 27 3.51 24.55 17.98
N ALA A 28 3.76 23.25 17.82
CA ALA A 28 5.03 22.77 17.28
C ALA A 28 4.82 21.88 16.05
N PHE A 29 3.69 22.07 15.36
CA PHE A 29 3.25 21.16 14.30
C PHE A 29 3.92 21.40 12.95
N SER A 30 4.15 22.67 12.57
CA SER A 30 4.59 23.06 11.24
C SER A 30 5.97 23.73 11.30
N ILE A 31 6.66 23.73 10.16
CA ILE A 31 7.92 24.45 10.06
C ILE A 31 7.75 25.94 10.33
N LYS A 32 6.53 26.44 10.21
CA LYS A 32 6.28 27.85 10.48
C LYS A 32 5.73 28.08 11.90
N SER A 33 5.61 27.02 12.69
CA SER A 33 5.04 27.16 14.04
C SER A 33 6.01 27.88 14.97
N THR A 34 5.44 28.56 15.97
CA THR A 34 6.22 29.34 16.93
C THR A 34 6.86 28.49 18.01
N GLY A 35 6.28 27.31 18.29
CA GLY A 35 6.72 26.53 19.43
C GLY A 35 6.21 27.00 20.76
N ASN A 36 5.46 28.09 20.81
CA ASN A 36 5.04 28.69 22.08
C ASN A 36 3.60 28.28 22.41
N PHE A 37 3.49 27.27 23.24
CA PHE A 37 2.20 26.82 23.68
C PHE A 37 1.61 27.79 24.68
N LYS A 38 0.29 27.74 24.80
CA LYS A 38 -0.48 28.70 25.57
C LYS A 38 -0.95 28.05 26.86
N GLU A 39 -0.50 28.58 27.99
CA GLU A 39 -0.87 28.01 29.27
C GLU A 39 -2.38 27.97 29.44
N GLU A 40 -3.10 28.98 28.94
CA GLU A 40 -4.54 29.02 29.20
C GLU A 40 -5.26 27.85 28.55
N ASP A 41 -4.69 27.27 27.47
CA ASP A 41 -5.28 26.06 26.89
C ASP A 41 -5.37 24.95 27.93
N PHE A 42 -4.31 24.79 28.72
CA PHE A 42 -4.26 23.73 29.72
C PHE A 42 -5.20 24.04 30.88
N LEU A 43 -5.21 25.31 31.32
CA LEU A 43 -6.14 25.75 32.35
C LEU A 43 -7.57 25.45 31.93
N TRP A 44 -7.95 25.85 30.72
CA TRP A 44 -9.33 25.70 30.30
C TRP A 44 -9.71 24.24 30.17
N MET A 45 -8.86 23.42 29.51
CA MET A 45 -9.24 22.03 29.37
C MET A 45 -9.29 21.33 30.72
N ALA A 46 -8.45 21.72 31.66
CA ALA A 46 -8.56 21.14 33.00
C ALA A 46 -9.86 21.54 33.69
N GLN A 47 -10.27 22.80 33.57
CA GLN A 47 -11.52 23.23 34.18
C GLN A 47 -12.71 22.52 33.54
N TRP A 48 -12.56 22.06 32.30
CA TRP A 48 -13.58 21.28 31.62
C TRP A 48 -13.40 19.78 31.86
N ASP A 49 -12.48 19.40 32.74
CA ASP A 49 -12.31 18.04 33.24
C ASP A 49 -11.64 17.10 32.24
N PHE A 50 -10.88 17.63 31.29
CA PHE A 50 -10.04 16.83 30.40
C PHE A 50 -8.70 16.55 31.04
N ASN A 51 -7.99 15.53 30.54
CA ASN A 51 -6.80 15.08 31.25
C ASN A 51 -5.65 14.66 30.33
N PHE A 52 -5.69 15.05 29.05
CA PHE A 52 -4.71 14.58 28.09
C PHE A 52 -4.45 15.57 26.98
N VAL A 53 -3.18 15.77 26.61
CA VAL A 53 -2.84 16.46 25.37
C VAL A 53 -1.76 15.70 24.64
N ARG A 54 -1.89 15.64 23.32
CA ARG A 54 -0.87 15.16 22.41
C ARG A 54 -0.25 16.34 21.69
N ILE A 55 1.07 16.30 21.57
CA ILE A 55 1.86 17.35 20.96
C ILE A 55 2.50 16.84 19.67
N PRO A 56 1.85 17.00 18.50
CA PRO A 56 2.48 16.56 17.25
C PRO A 56 3.59 17.52 16.84
N MET A 57 4.85 17.08 16.85
CA MET A 57 5.98 17.97 16.65
C MET A 57 6.65 17.77 15.30
N CYS A 58 7.12 18.87 14.73
CA CYS A 58 7.85 18.86 13.45
C CYS A 58 9.34 18.97 13.74
N HIS A 59 10.11 17.92 13.44
CA HIS A 59 11.51 17.90 13.86
C HIS A 59 12.32 19.01 13.22
N LEU A 60 11.88 19.52 12.06
CA LEU A 60 12.62 20.61 11.41
C LEU A 60 12.61 21.89 12.25
N LEU A 61 11.74 21.98 13.27
CA LEU A 61 11.80 23.14 14.16
C LEU A 61 13.10 23.18 14.94
N TRP A 62 13.72 22.02 15.16
CA TRP A 62 15.00 21.95 15.84
C TRP A 62 16.08 21.25 15.03
N SER A 63 15.81 20.90 13.77
CA SER A 63 16.76 20.16 12.95
C SER A 63 16.85 20.79 11.56
N ASP A 64 17.34 20.03 10.59
CA ASP A 64 17.66 20.53 9.25
CA ASP A 64 17.62 20.54 9.25
C ASP A 64 17.14 19.57 8.19
N ARG A 65 16.62 20.13 7.08
CA ARG A 65 16.17 19.30 5.97
C ARG A 65 17.32 18.52 5.36
N GLY A 66 18.49 19.16 5.29
CA GLY A 66 19.64 18.59 4.64
C GLY A 66 20.51 17.74 5.54
N ASN A 67 20.34 17.89 6.86
CA ASN A 67 21.14 17.15 7.83
C ASN A 67 20.25 16.75 8.99
N PRO A 68 19.75 15.51 9.02
CA PRO A 68 18.78 15.13 10.05
C PRO A 68 19.37 14.87 11.42
N PHE A 69 20.70 14.97 11.57
CA PHE A 69 21.34 14.77 12.86
C PHE A 69 21.48 16.07 13.66
N ILE A 70 21.11 17.21 13.07
CA ILE A 70 21.18 18.47 13.78
C ILE A 70 20.12 18.51 14.86
N ILE A 71 20.51 18.90 16.08
CA ILE A 71 19.55 19.16 17.14
C ILE A 71 19.90 20.49 17.76
N ARG A 72 18.98 21.45 17.68
CA ARG A 72 19.10 22.72 18.38
C ARG A 72 18.34 22.57 19.69
N GLU A 73 19.09 22.33 20.78
CA GLU A 73 18.47 21.90 22.02
C GLU A 73 17.62 23.00 22.65
N ASP A 74 17.94 24.26 22.36
CA ASP A 74 17.23 25.38 22.98
C ASP A 74 15.73 25.32 22.69
N PHE A 75 15.36 24.73 21.53
CA PHE A 75 13.96 24.61 21.21
C PHE A 75 13.19 23.92 22.34
N PHE A 76 13.81 22.93 22.99
CA PHE A 76 13.07 22.13 23.96
C PHE A 76 12.80 22.85 25.26
N GLU A 77 13.34 24.05 25.44
CA GLU A 77 12.88 24.88 26.55
C GLU A 77 11.38 25.12 26.45
N LYS A 78 10.85 25.16 25.22
CA LYS A 78 9.41 25.37 25.04
C LYS A 78 8.61 24.14 25.44
N ILE A 79 9.13 22.94 25.13
CA ILE A 79 8.46 21.72 25.51
C ILE A 79 8.55 21.50 27.02
N ASP A 80 9.64 21.94 27.64
CA ASP A 80 9.73 21.89 29.10
C ASP A 80 8.54 22.60 29.73
N ARG A 81 8.15 23.75 29.16
CA ARG A 81 7.01 24.49 29.71
C ARG A 81 5.74 23.66 29.63
N VAL A 82 5.54 23.00 28.48
CA VAL A 82 4.34 22.17 28.29
C VAL A 82 4.28 21.10 29.37
N ILE A 83 5.41 20.47 29.66
CA ILE A 83 5.42 19.43 30.69
C ILE A 83 5.09 20.02 32.04
N PHE A 84 5.63 21.21 32.35
CA PHE A 84 5.26 21.86 33.59
C PHE A 84 3.76 22.11 33.66
N TRP A 85 3.18 22.63 32.58
CA TRP A 85 1.75 22.90 32.60
C TRP A 85 0.96 21.60 32.67
N GLY A 86 1.46 20.53 32.05
CA GLY A 86 0.80 19.25 32.21
C GLY A 86 0.74 18.82 33.67
N GLU A 87 1.85 18.98 34.38
CA GLU A 87 1.87 18.62 35.80
C GLU A 87 1.01 19.55 36.63
N LYS A 88 1.07 20.85 36.33
CA LYS A 88 0.31 21.83 37.10
C LYS A 88 -1.19 21.59 37.00
N TYR A 89 -1.67 21.23 35.81
CA TYR A 89 -3.10 21.17 35.54
C TYR A 89 -3.65 19.75 35.46
N GLY A 90 -2.83 18.73 35.71
CA GLY A 90 -3.31 17.36 35.69
C GLY A 90 -3.59 16.82 34.31
N ILE A 91 -2.79 17.20 33.33
CA ILE A 91 -2.97 16.86 31.93
C ILE A 91 -1.77 16.04 31.51
N HIS A 92 -2.01 14.79 31.15
CA HIS A 92 -0.93 13.96 30.61
C HIS A 92 -0.43 14.54 29.30
N ILE A 93 0.90 14.53 29.11
CA ILE A 93 1.54 15.03 27.89
C ILE A 93 2.07 13.85 27.08
N CYS A 94 1.59 13.72 25.85
CA CYS A 94 2.13 12.76 24.91
C CYS A 94 2.86 13.53 23.81
N ILE A 95 4.19 13.43 23.77
CA ILE A 95 4.96 14.10 22.72
C ILE A 95 5.16 13.15 21.55
N SER A 96 4.92 13.66 20.36
CA SER A 96 4.87 12.87 19.15
C SER A 96 5.72 13.52 18.06
N LEU A 97 6.32 12.69 17.21
CA LEU A 97 7.00 13.23 16.02
C LEU A 97 6.01 13.14 14.85
N HIS A 98 5.44 14.28 14.48
CA HIS A 98 4.59 14.37 13.31
C HIS A 98 5.42 14.38 12.05
N ARG A 99 6.58 15.03 12.10
CA ARG A 99 7.60 14.88 11.08
C ARG A 99 8.88 14.44 11.79
N ALA A 100 9.50 13.42 11.25
CA ALA A 100 10.79 12.90 11.71
C ALA A 100 11.64 12.75 10.48
N PRO A 101 12.95 12.51 10.66
CA PRO A 101 13.81 12.27 9.50
C PRO A 101 13.24 11.15 8.63
N GLY A 102 12.90 11.47 7.40
CA GLY A 102 12.43 10.46 6.47
C GLY A 102 10.95 10.18 6.51
N TYR A 103 10.16 10.88 7.31
CA TYR A 103 8.72 10.60 7.25
C TYR A 103 7.86 11.72 7.81
N SER A 104 6.81 12.08 7.07
CA SER A 104 5.69 12.85 7.60
C SER A 104 4.52 12.72 6.63
N VAL A 105 3.30 12.69 7.18
CA VAL A 105 2.12 12.84 6.33
C VAL A 105 1.94 14.27 5.87
N ASN A 106 2.62 15.24 6.51
CA ASN A 106 2.47 16.63 6.17
C ASN A 106 3.27 16.95 4.89
N LYS A 107 2.59 17.47 3.88
CA LYS A 107 3.22 17.73 2.58
C LYS A 107 3.92 19.08 2.50
N GLU A 108 3.96 19.86 3.59
CA GLU A 108 4.53 21.21 3.49
C GLU A 108 6.00 21.15 3.11
N VAL A 109 6.67 20.05 3.47
CA VAL A 109 8.03 19.72 3.08
C VAL A 109 8.04 18.26 2.61
N GLU A 110 8.69 18.01 1.48
CA GLU A 110 8.88 16.66 0.96
C GLU A 110 10.14 16.08 1.57
N GLU A 111 10.02 14.96 2.27
CA GLU A 111 11.20 14.28 2.77
C GLU A 111 11.99 13.69 1.61
N LYS A 112 13.31 13.89 1.63
CA LYS A 112 14.19 13.36 0.60
C LYS A 112 14.54 11.90 0.83
N THR A 113 14.31 11.38 2.03
CA THR A 113 14.65 10.02 2.40
C THR A 113 13.39 9.33 2.90
N ASN A 114 13.48 8.00 3.02
CA ASN A 114 12.36 7.16 3.46
C ASN A 114 12.74 6.49 4.77
N LEU A 115 12.16 6.98 5.87
CA LEU A 115 12.49 6.45 7.20
C LEU A 115 12.36 4.94 7.26
N TRP A 116 11.38 4.38 6.56
CA TRP A 116 11.07 2.97 6.72
C TRP A 116 12.08 2.06 6.04
N LYS A 117 12.92 2.61 5.15
CA LYS A 117 13.89 1.83 4.41
C LYS A 117 15.34 2.29 4.58
N ASP A 118 15.56 3.55 4.93
CA ASP A 118 16.89 4.16 4.85
CA ASP A 118 16.89 4.18 4.86
C ASP A 118 17.59 4.10 6.20
N GLU A 119 18.73 3.40 6.23
CA GLU A 119 19.47 3.22 7.47
C GLU A 119 19.88 4.56 8.09
N THR A 120 20.25 5.54 7.25
CA THR A 120 20.69 6.82 7.79
C THR A 120 19.54 7.57 8.45
N ALA A 121 18.36 7.57 7.82
CA ALA A 121 17.21 8.23 8.43
C ALA A 121 16.84 7.57 9.76
N GLN A 122 16.97 6.24 9.84
CA GLN A 122 16.66 5.52 11.06
C GLN A 122 17.66 5.87 12.15
N GLU A 123 18.94 5.98 11.81
CA GLU A 123 19.92 6.44 12.77
C GLU A 123 19.54 7.81 13.32
N ALA A 124 19.12 8.71 12.42
CA ALA A 124 18.77 10.05 12.87
C ALA A 124 17.52 10.02 13.75
N PHE A 125 16.51 9.24 13.33
CA PHE A 125 15.31 9.01 14.13
C PHE A 125 15.66 8.62 15.56
N ILE A 126 16.56 7.64 15.70
CA ILE A 126 16.92 7.14 17.02
C ILE A 126 17.72 8.18 17.78
N HIS A 127 18.57 8.92 17.07
CA HIS A 127 19.31 10.04 17.65
C HIS A 127 18.37 11.07 18.28
N HIS A 128 17.32 11.47 17.55
CA HIS A 128 16.35 12.41 18.12
C HIS A 128 15.62 11.82 19.31
N TRP A 129 15.15 10.59 19.20
CA TRP A 129 14.40 10.04 20.33
C TRP A 129 15.28 9.76 21.52
N SER A 130 16.56 9.46 21.30
CA SER A 130 17.49 9.29 22.39
C SER A 130 17.71 10.62 23.11
N PHE A 131 17.84 11.70 22.34
CA PHE A 131 17.99 13.01 22.94
C PHE A 131 16.82 13.35 23.83
N ILE A 132 15.60 13.12 23.31
CA ILE A 132 14.38 13.46 24.05
C ILE A 132 14.24 12.56 25.28
N ALA A 133 14.52 11.27 25.13
CA ALA A 133 14.46 10.35 26.25
C ALA A 133 15.39 10.79 27.38
N ARG A 134 16.62 11.16 27.03
CA ARG A 134 17.58 11.60 28.03
C ARG A 134 17.09 12.87 28.72
N ARG A 135 16.55 13.82 27.95
CA ARG A 135 16.16 15.09 28.55
C ARG A 135 15.10 14.91 29.62
N TYR A 136 14.14 14.00 29.40
CA TYR A 136 13.00 13.83 30.29
C TYR A 136 13.05 12.53 31.10
N LYS A 137 14.24 11.94 31.28
CA LYS A 137 14.36 10.69 32.02
C LYS A 137 13.76 10.79 33.43
N GLY A 138 13.78 11.97 34.04
CA GLY A 138 13.24 12.12 35.37
C GLY A 138 11.74 12.33 35.47
N ILE A 139 11.04 12.34 34.35
CA ILE A 139 9.61 12.63 34.31
C ILE A 139 8.87 11.30 34.18
N SER A 140 7.97 11.05 35.12
CA SER A 140 7.20 9.81 35.16
CA SER A 140 7.24 9.79 35.15
C SER A 140 6.28 9.67 33.96
N SER A 141 5.98 8.41 33.61
CA SER A 141 5.02 8.15 32.54
C SER A 141 3.58 8.49 32.93
N THR A 142 3.29 8.64 34.23
CA THR A 142 2.04 9.29 34.62
C THR A 142 1.87 10.64 33.92
N HIS A 143 2.96 11.39 33.79
CA HIS A 143 2.92 12.73 33.23
C HIS A 143 3.33 12.82 31.77
N LEU A 144 4.05 11.82 31.24
CA LEU A 144 4.69 11.98 29.94
C LEU A 144 4.84 10.64 29.21
N SER A 145 4.37 10.62 27.99
CA SER A 145 4.56 9.48 27.09
C SER A 145 5.15 9.96 25.76
N PHE A 146 5.72 9.00 25.02
CA PHE A 146 6.33 9.23 23.72
C PHE A 146 5.57 8.47 22.64
N ASN A 147 5.14 9.18 21.60
CA ASN A 147 4.49 8.61 20.42
C ASN A 147 5.50 8.73 19.28
N LEU A 148 6.13 7.60 18.92
CA LEU A 148 7.39 7.67 18.20
C LEU A 148 7.22 8.30 16.81
N ILE A 149 6.13 8.01 16.13
CA ILE A 149 5.93 8.53 14.77
C ILE A 149 4.45 8.55 14.45
N ASN A 150 4.03 9.65 13.85
CA ASN A 150 2.63 9.84 13.53
C ASN A 150 2.27 9.15 12.22
N GLU A 151 1.21 8.36 12.24
CA GLU A 151 0.48 7.84 11.09
C GLU A 151 1.38 7.21 10.01
N PRO A 152 2.02 6.08 10.30
CA PRO A 152 2.69 5.30 9.23
C PRO A 152 1.68 4.94 8.15
N PRO A 153 2.12 4.70 6.93
CA PRO A 153 1.19 4.44 5.82
C PRO A 153 0.71 2.99 5.84
N PHE A 154 -0.10 2.65 4.84
CA PHE A 154 -0.44 1.26 4.61
CA PHE A 154 -0.43 1.25 4.63
C PHE A 154 0.85 0.49 4.30
N PRO A 155 1.00 -0.76 4.77
CA PRO A 155 2.32 -1.43 4.66
C PRO A 155 2.58 -2.07 3.29
N ASP A 156 2.60 -1.24 2.27
CA ASP A 156 3.12 -1.61 0.95
C ASP A 156 4.62 -1.81 1.06
N PRO A 157 5.15 -3.02 0.82
CA PRO A 157 6.58 -3.27 1.15
C PRO A 157 7.56 -2.60 0.21
N GLN A 158 7.08 -1.95 -0.86
CA GLN A 158 7.96 -1.10 -1.65
C GLN A 158 8.20 0.25 -0.96
N ILE A 159 7.45 0.57 0.08
CA ILE A 159 7.63 1.78 0.87
C ILE A 159 7.91 1.45 2.34
N MET A 160 7.07 0.60 2.93
CA MET A 160 7.21 0.21 4.33
C MET A 160 6.53 -1.14 4.48
N SER A 161 7.30 -2.18 4.72
CA SER A 161 6.67 -3.45 5.07
C SER A 161 6.27 -3.45 6.54
N VAL A 162 5.38 -4.38 6.90
CA VAL A 162 5.05 -4.53 8.32
C VAL A 162 6.32 -4.78 9.10
N GLU A 163 7.25 -5.59 8.55
CA GLU A 163 8.47 -5.91 9.26
CA GLU A 163 8.46 -5.91 9.28
C GLU A 163 9.39 -4.71 9.36
N ASP A 164 9.42 -3.86 8.31
CA ASP A 164 10.19 -2.63 8.38
C ASP A 164 9.74 -1.81 9.58
N HIS A 165 8.43 -1.62 9.68
CA HIS A 165 7.86 -0.79 10.75
C HIS A 165 8.16 -1.39 12.10
N ASN A 166 7.86 -2.68 12.27
CA ASN A 166 7.99 -3.27 13.60
C ASN A 166 9.45 -3.33 14.04
N SER A 167 10.36 -3.63 13.11
CA SER A 167 11.76 -3.72 13.54
C SER A 167 12.29 -2.35 13.93
N LEU A 168 11.85 -1.29 13.24
CA LEU A 168 12.31 0.04 13.59
C LEU A 168 11.73 0.49 14.92
N ILE A 169 10.44 0.24 15.14
CA ILE A 169 9.82 0.65 16.39
C ILE A 169 10.45 -0.11 17.55
N LYS A 170 10.71 -1.41 17.36
CA LYS A 170 11.34 -2.20 18.41
C LYS A 170 12.74 -1.67 18.73
N ARG A 171 13.53 -1.34 17.69
CA ARG A 171 14.89 -0.83 17.90
C ARG A 171 14.86 0.49 18.64
N THR A 172 13.93 1.36 18.25
CA THR A 172 13.82 2.67 18.86
C THR A 172 13.38 2.56 20.31
N ILE A 173 12.39 1.72 20.59
CA ILE A 173 11.98 1.50 21.97
C ILE A 173 13.14 0.95 22.79
N THR A 174 13.89 0.00 22.21
CA THR A 174 15.04 -0.54 22.94
C THR A 174 16.03 0.56 23.33
N GLU A 175 16.34 1.47 22.40
CA GLU A 175 17.30 2.52 22.72
C GLU A 175 16.72 3.52 23.73
N ILE A 176 15.43 3.86 23.59
CA ILE A 176 14.79 4.74 24.57
C ILE A 176 14.88 4.14 25.96
N ARG A 177 14.62 2.84 26.06
CA ARG A 177 14.54 2.22 27.39
C ARG A 177 15.88 1.84 27.96
N LYS A 178 16.96 1.84 27.16
CA LYS A 178 18.28 1.81 27.76
C LYS A 178 18.53 3.09 28.56
N ILE A 179 17.93 4.19 28.13
CA ILE A 179 18.08 5.47 28.80
C ILE A 179 17.09 5.63 29.93
N ASP A 180 15.83 5.23 29.68
CA ASP A 180 14.73 5.41 30.63
C ASP A 180 13.87 4.16 30.57
N PRO A 181 14.16 3.17 31.41
CA PRO A 181 13.51 1.86 31.26
C PRO A 181 12.00 1.86 31.40
N GLU A 182 11.43 2.84 32.08
CA GLU A 182 10.01 2.82 32.41
C GLU A 182 9.17 3.67 31.48
N ARG A 183 9.74 4.28 30.46
CA ARG A 183 8.99 5.23 29.63
C ARG A 183 7.88 4.53 28.85
N LEU A 184 6.66 5.03 29.01
CA LEU A 184 5.51 4.58 28.24
C LEU A 184 5.58 5.05 26.79
N ILE A 185 5.32 4.14 25.84
CA ILE A 185 5.40 4.43 24.42
C ILE A 185 4.03 4.21 23.78
N ILE A 186 3.65 5.16 22.92
CA ILE A 186 2.39 5.11 22.16
C ILE A 186 2.74 4.82 20.71
N ILE A 187 2.10 3.82 20.13
CA ILE A 187 2.40 3.32 18.79
C ILE A 187 1.17 3.50 17.89
N ASP A 188 1.30 4.33 16.85
CA ASP A 188 0.20 4.56 15.93
C ASP A 188 -0.04 3.29 15.10
N GLY A 189 -1.30 3.03 14.80
CA GLY A 189 -1.63 1.97 13.86
C GLY A 189 -1.12 2.26 12.45
N LEU A 190 -1.00 1.18 11.67
CA LEU A 190 -0.63 1.35 10.27
C LEU A 190 -1.84 1.87 9.48
N GLY A 191 -1.63 2.10 8.20
CA GLY A 191 -2.72 2.68 7.41
C GLY A 191 -3.16 4.00 7.97
N TYR A 192 -2.20 4.86 8.34
CA TYR A 192 -2.47 6.18 8.88
C TYR A 192 -3.26 6.10 10.18
N GLY A 193 -2.87 5.19 11.06
CA GLY A 193 -3.48 5.12 12.37
C GLY A 193 -4.79 4.36 12.40
N ASN A 194 -5.08 3.55 11.37
CA ASN A 194 -6.34 2.83 11.33
C ASN A 194 -6.26 1.32 11.48
N ILE A 195 -5.09 0.72 11.39
CA ILE A 195 -4.92 -0.73 11.38
C ILE A 195 -4.12 -1.13 12.63
N PRO A 196 -4.65 -1.98 13.51
CA PRO A 196 -3.84 -2.43 14.65
C PRO A 196 -2.58 -3.15 14.19
N VAL A 197 -1.53 -3.03 14.99
CA VAL A 197 -0.25 -3.68 14.71
C VAL A 197 -0.22 -5.00 15.49
N ASP A 198 -0.32 -6.11 14.76
CA ASP A 198 -0.54 -7.41 15.40
C ASP A 198 0.68 -7.87 16.21
N ASP A 199 1.89 -7.73 15.67
CA ASP A 199 3.06 -8.36 16.26
C ASP A 199 3.94 -7.39 17.04
N LEU A 200 3.36 -6.33 17.61
CA LEU A 200 4.06 -5.41 18.51
C LEU A 200 3.39 -5.52 19.87
N THR A 201 3.71 -6.58 20.60
CA THR A 201 3.19 -6.78 21.95
C THR A 201 4.35 -6.54 22.91
N ILE A 202 4.64 -5.27 23.14
CA ILE A 202 5.77 -4.81 23.95
C ILE A 202 5.22 -4.27 25.25
N GLU A 203 5.90 -4.59 26.35
CA GLU A 203 5.43 -4.15 27.66
C GLU A 203 5.32 -2.63 27.71
N ASN A 204 4.29 -2.14 28.41
CA ASN A 204 4.15 -0.73 28.71
C ASN A 204 4.04 0.09 27.43
N THR A 205 3.22 -0.40 26.51
CA THR A 205 2.88 0.36 25.32
C THR A 205 1.37 0.41 25.13
N VAL A 206 0.96 1.40 24.37
CA VAL A 206 -0.43 1.63 23.98
C VAL A 206 -0.44 1.85 22.47
N GLN A 207 -1.43 1.27 21.78
CA GLN A 207 -1.57 1.55 20.36
C GLN A 207 -2.66 2.60 20.16
N SER A 208 -2.48 3.40 19.12
CA SER A 208 -3.32 4.57 18.88
C SER A 208 -3.99 4.49 17.52
N CYS A 209 -5.33 4.57 17.54
CA CYS A 209 -6.15 4.53 16.35
C CYS A 209 -6.59 5.95 15.97
N ARG A 210 -7.56 6.05 15.07
CA ARG A 210 -7.96 7.35 14.52
C ARG A 210 -9.49 7.40 14.44
N GLY A 211 -10.02 8.62 14.50
CA GLY A 211 -11.43 8.87 14.42
C GLY A 211 -11.79 9.88 13.35
N TYR A 212 -11.43 9.56 12.10
CA TYR A 212 -11.73 10.41 10.96
C TYR A 212 -12.63 9.69 9.97
N ILE A 213 -13.09 8.47 10.31
CA ILE A 213 -13.97 7.72 9.45
C ILE A 213 -15.38 8.25 9.70
N PRO A 214 -16.10 8.75 8.68
CA PRO A 214 -15.75 8.79 7.26
C PRO A 214 -15.28 10.15 6.77
N PHE A 215 -14.42 10.14 5.76
CA PHE A 215 -13.82 11.35 5.22
C PHE A 215 -14.86 12.32 4.64
N SER A 216 -15.97 11.82 4.08
CA SER A 216 -16.93 12.76 3.53
C SER A 216 -17.52 13.66 4.59
N VAL A 217 -17.48 13.23 5.85
CA VAL A 217 -17.91 14.04 6.97
C VAL A 217 -16.75 14.81 7.56
N THR A 218 -15.62 14.14 7.76
CA THR A 218 -14.55 14.72 8.56
C THR A 218 -13.57 15.54 7.75
N HIS A 219 -13.50 15.30 6.44
CA HIS A 219 -12.51 15.99 5.60
C HIS A 219 -13.16 16.65 4.39
N TYR A 220 -14.45 16.94 4.46
CA TYR A 220 -15.14 17.62 3.36
C TYR A 220 -14.43 18.92 3.06
N LYS A 221 -14.02 19.10 1.81
CA LYS A 221 -13.36 20.32 1.31
C LYS A 221 -12.01 20.57 1.99
N ALA A 222 -11.40 19.54 2.57
CA ALA A 222 -10.06 19.67 3.12
C ALA A 222 -9.08 19.86 1.98
N GLU A 223 -8.22 20.88 2.12
CA GLU A 223 -7.32 21.24 1.04
C GLU A 223 -6.15 20.29 0.90
N TRP A 224 -5.76 19.62 1.97
CA TRP A 224 -4.55 18.82 2.00
C TRP A 224 -4.83 17.35 1.67
N VAL A 225 -6.07 17.03 1.33
CA VAL A 225 -6.51 15.71 0.93
C VAL A 225 -7.19 15.87 -0.42
N ASP A 226 -7.18 14.80 -1.23
CA ASP A 226 -7.84 14.86 -2.54
C ASP A 226 -9.33 14.67 -2.32
N SER A 227 -10.02 15.79 -2.09
CA SER A 227 -11.41 15.80 -1.61
C SER A 227 -12.40 16.33 -2.62
N LYS A 228 -11.94 16.70 -3.82
CA LYS A 228 -12.82 17.39 -4.77
C LYS A 228 -14.06 16.58 -5.12
N ASP A 229 -14.02 15.25 -5.04
CA ASP A 229 -15.14 14.40 -5.44
C ASP A 229 -15.92 13.80 -4.28
N PHE A 230 -15.69 14.26 -3.06
CA PHE A 230 -16.47 13.74 -1.94
C PHE A 230 -17.93 14.11 -2.09
N PRO A 231 -18.86 13.23 -1.69
CA PRO A 231 -20.28 13.61 -1.70
C PRO A 231 -20.60 14.59 -0.58
N VAL A 232 -21.76 15.23 -0.72
CA VAL A 232 -22.34 16.08 0.33
C VAL A 232 -22.20 15.34 1.65
N PRO A 233 -21.71 15.96 2.71
CA PRO A 233 -21.64 15.25 3.99
C PRO A 233 -23.02 14.83 4.44
N GLU A 234 -23.10 13.60 4.95
CA GLU A 234 -24.31 13.16 5.61
C GLU A 234 -23.94 12.08 6.62
N TRP A 235 -24.76 11.99 7.67
CA TRP A 235 -24.55 10.98 8.67
C TRP A 235 -25.91 10.58 9.23
N PRO A 236 -26.23 9.29 9.32
CA PRO A 236 -25.43 8.14 8.90
C PRO A 236 -25.30 8.04 7.38
N ASN A 237 -24.63 6.98 6.93
CA ASN A 237 -24.34 6.73 5.52
C ASN A 237 -23.34 7.74 4.95
N GLY A 238 -22.37 8.13 5.75
CA GLY A 238 -21.25 8.89 5.24
C GLY A 238 -20.35 8.02 4.40
N TRP A 239 -19.40 8.63 3.70
CA TRP A 239 -18.65 7.93 2.66
C TRP A 239 -17.16 8.05 2.92
N HIS A 240 -16.43 6.95 2.73
CA HIS A 240 -15.01 6.90 3.07
C HIS A 240 -14.31 6.00 2.08
N PHE A 241 -13.51 6.60 1.18
CA PHE A 241 -12.73 5.86 0.17
C PHE A 241 -13.55 4.74 -0.46
N GLY A 242 -14.73 5.11 -0.92
CA GLY A 242 -15.55 4.24 -1.71
C GLY A 242 -16.62 3.48 -0.95
N GLU A 243 -16.61 3.53 0.37
CA GLU A 243 -17.49 2.72 1.21
C GLU A 243 -18.38 3.60 2.08
N TYR A 244 -19.58 3.11 2.37
CA TYR A 244 -20.53 3.83 3.19
C TYR A 244 -20.50 3.31 4.61
N TRP A 245 -20.61 4.24 5.56
CA TRP A 245 -20.42 3.97 6.98
C TRP A 245 -21.64 4.39 7.79
N ASN A 246 -21.90 3.63 8.86
CA ASN A 246 -22.88 3.97 9.86
C ASN A 246 -22.31 3.61 11.22
N ARG A 247 -23.11 3.77 12.29
CA ARG A 247 -22.51 3.57 13.60
C ARG A 247 -22.24 2.10 13.87
N GLU A 248 -23.02 1.20 13.26
CA GLU A 248 -22.71 -0.21 13.46
C GLU A 248 -21.37 -0.56 12.82
N LYS A 249 -21.08 0.02 11.67
CA LYS A 249 -19.79 -0.22 11.02
C LYS A 249 -18.65 0.39 11.83
N LEU A 250 -18.87 1.58 12.41
CA LEU A 250 -17.87 2.16 13.31
C LEU A 250 -17.65 1.23 14.49
N LEU A 251 -18.73 0.74 15.08
CA LEU A 251 -18.59 -0.17 16.22
C LEU A 251 -17.76 -1.40 15.84
N GLU A 252 -18.07 -2.02 14.70
CA GLU A 252 -17.31 -3.18 14.27
C GLU A 252 -15.83 -2.84 14.16
N HIS A 253 -15.53 -1.69 13.56
CA HIS A 253 -14.15 -1.29 13.34
C HIS A 253 -13.39 -1.17 14.67
N TYR A 254 -13.97 -0.47 15.63
CA TYR A 254 -13.25 -0.28 16.89
C TYR A 254 -13.26 -1.53 17.76
N LEU A 255 -14.20 -2.46 17.54
CA LEU A 255 -14.11 -3.75 18.21
C LEU A 255 -12.86 -4.50 17.77
N THR A 256 -12.45 -4.37 16.50
CA THR A 256 -11.22 -5.04 16.10
C THR A 256 -10.03 -4.42 16.82
N TRP A 257 -10.07 -3.12 17.08
CA TRP A 257 -9.01 -2.46 17.80
C TRP A 257 -8.87 -2.96 19.24
N ILE A 258 -9.98 -3.05 19.99
CA ILE A 258 -9.88 -3.40 21.39
C ILE A 258 -9.56 -4.89 21.56
N LYS A 259 -9.53 -5.64 20.46
CA LYS A 259 -9.04 -7.02 20.52
C LYS A 259 -7.58 -7.06 20.97
N LEU A 260 -6.83 -5.97 20.76
CA LEU A 260 -5.46 -5.91 21.24
C LEU A 260 -5.39 -6.10 22.74
N ARG A 261 -6.47 -5.79 23.46
CA ARG A 261 -6.47 -5.95 24.91
C ARG A 261 -6.32 -7.40 25.32
N GLN A 262 -6.70 -8.34 24.45
CA GLN A 262 -6.52 -9.75 24.78
C GLN A 262 -5.06 -10.14 24.77
N LYS A 263 -4.19 -9.31 24.18
CA LYS A 263 -2.76 -9.48 24.21
C LYS A 263 -2.09 -8.55 25.21
N GLY A 264 -2.86 -7.95 26.11
CA GLY A 264 -2.29 -7.06 27.11
C GLY A 264 -1.98 -5.66 26.65
N ILE A 265 -2.52 -5.23 25.50
CA ILE A 265 -2.19 -3.95 24.89
C ILE A 265 -3.42 -3.05 24.97
N GLU A 266 -3.26 -1.88 25.59
CA GLU A 266 -4.33 -0.91 25.62
C GLU A 266 -4.35 -0.08 24.32
N VAL A 267 -5.51 0.46 24.02
CA VAL A 267 -5.72 1.25 22.83
C VAL A 267 -6.38 2.57 23.20
N PHE A 268 -6.12 3.59 22.40
CA PHE A 268 -6.85 4.85 22.52
C PHE A 268 -6.77 5.55 21.17
N CYS A 269 -7.65 6.54 21.00
CA CYS A 269 -7.80 7.23 19.72
C CYS A 269 -7.04 8.56 19.78
N GLY A 270 -5.85 8.59 19.16
CA GLY A 270 -4.93 9.71 19.30
C GLY A 270 -5.32 10.97 18.53
N GLU A 271 -6.18 10.84 17.52
CA GLU A 271 -6.73 11.98 16.82
C GLU A 271 -8.13 11.62 16.34
N MET A 272 -9.04 12.60 16.40
CA MET A 272 -10.37 12.45 15.86
C MET A 272 -10.94 13.84 15.57
N GLY A 273 -12.00 13.86 14.78
CA GLY A 273 -12.76 15.08 14.58
C GLY A 273 -13.15 15.36 13.14
N ALA A 274 -13.81 16.50 12.93
CA ALA A 274 -14.27 16.93 11.62
C ALA A 274 -13.84 18.37 11.34
N TYR A 275 -13.49 18.62 10.09
CA TYR A 275 -13.13 19.90 9.57
C TYR A 275 -14.35 20.84 9.51
N ASN A 276 -14.07 22.11 9.24
CA ASN A 276 -15.02 23.19 9.51
C ASN A 276 -15.87 23.59 8.32
N LYS A 277 -15.90 22.78 7.27
CA LYS A 277 -16.77 23.04 6.13
C LYS A 277 -17.96 22.07 6.10
N THR A 278 -18.04 21.18 7.04
CA THR A 278 -19.14 20.25 7.16
C THR A 278 -20.25 20.85 8.03
N PRO A 279 -21.51 20.79 7.58
CA PRO A 279 -22.60 21.33 8.41
C PRO A 279 -22.54 20.82 9.84
N HIS A 280 -22.79 21.75 10.77
CA HIS A 280 -22.65 21.45 12.19
C HIS A 280 -23.57 20.32 12.61
N ASP A 281 -24.79 20.27 12.06
CA ASP A 281 -25.72 19.23 12.47
C ASP A 281 -25.19 17.85 12.09
N VAL A 282 -24.54 17.74 10.93
CA VAL A 282 -23.91 16.49 10.54
C VAL A 282 -22.74 16.16 11.46
N VAL A 283 -21.90 17.16 11.74
CA VAL A 283 -20.75 16.92 12.62
C VAL A 283 -21.22 16.41 13.98
N LEU A 284 -22.25 17.03 14.55
CA LEU A 284 -22.64 16.63 15.90
C LEU A 284 -23.30 15.25 15.91
N LYS A 285 -24.04 14.90 14.86
CA LYS A 285 -24.64 13.57 14.79
C LYS A 285 -23.56 12.50 14.69
N TRP A 286 -22.57 12.74 13.83
CA TRP A 286 -21.45 11.80 13.70
C TRP A 286 -20.63 11.73 14.98
N LEU A 287 -20.28 12.88 15.55
CA LEU A 287 -19.45 12.87 16.75
C LEU A 287 -20.17 12.19 17.91
N GLU A 288 -21.47 12.40 18.02
CA GLU A 288 -22.22 11.74 19.07
C GLU A 288 -22.08 10.22 18.96
N ASP A 289 -22.25 9.69 17.74
CA ASP A 289 -22.12 8.24 17.54
C ASP A 289 -20.69 7.77 17.84
N LEU A 290 -19.68 8.52 17.36
CA LEU A 290 -18.30 8.11 17.63
C LEU A 290 -18.03 8.07 19.12
N LEU A 291 -18.45 9.12 19.84
CA LEU A 291 -18.16 9.21 21.27
C LEU A 291 -18.94 8.17 22.07
N GLU A 292 -20.16 7.83 21.63
CA GLU A 292 -20.91 6.77 22.30
C GLU A 292 -20.20 5.43 22.14
N ILE A 293 -19.62 5.20 20.97
CA ILE A 293 -18.86 3.97 20.74
C ILE A 293 -17.61 3.96 21.61
N PHE A 294 -16.91 5.09 21.69
CA PHE A 294 -15.71 5.12 22.51
C PHE A 294 -16.03 4.92 23.99
N LYS A 295 -17.13 5.51 24.46
CA LYS A 295 -17.50 5.29 25.87
C LYS A 295 -17.85 3.84 26.09
N THR A 296 -18.61 3.26 25.16
CA THR A 296 -18.99 1.85 25.23
C THR A 296 -17.77 0.96 25.37
N LEU A 297 -16.75 1.20 24.56
CA LEU A 297 -15.56 0.35 24.50
C LEU A 297 -14.42 0.86 25.36
N ASN A 298 -14.64 1.93 26.14
CA ASN A 298 -13.65 2.50 27.05
C ASN A 298 -12.40 2.89 26.28
N ILE A 299 -12.59 3.56 25.15
CA ILE A 299 -11.50 4.05 24.30
C ILE A 299 -11.32 5.54 24.58
N GLY A 300 -10.12 5.92 25.03
CA GLY A 300 -9.81 7.32 25.20
C GLY A 300 -9.71 8.05 23.88
N PHE A 301 -9.72 9.38 23.93
CA PHE A 301 -9.70 10.16 22.70
C PHE A 301 -9.01 11.50 22.85
N ALA A 302 -8.56 12.02 21.69
CA ALA A 302 -8.03 13.37 21.58
C ALA A 302 -8.56 14.01 20.31
N LEU A 303 -9.29 15.10 20.47
CA LEU A 303 -9.72 15.89 19.33
C LEU A 303 -8.49 16.49 18.64
N TRP A 304 -8.52 16.54 17.31
CA TRP A 304 -7.32 16.97 16.58
C TRP A 304 -6.92 18.40 16.91
N ASN A 305 -7.88 19.29 17.14
CA ASN A 305 -7.58 20.64 17.60
C ASN A 305 -8.31 20.93 18.91
N PHE A 306 -7.74 21.82 19.69
CA PHE A 306 -8.42 22.50 20.80
C PHE A 306 -8.95 23.81 20.22
N ARG A 307 -8.05 24.76 19.97
CA ARG A 307 -8.32 25.89 19.09
C ARG A 307 -7.95 25.52 17.67
N GLY A 308 -8.88 25.73 16.73
CA GLY A 308 -8.58 25.51 15.33
C GLY A 308 -9.72 24.88 14.58
N PRO A 309 -9.52 24.63 13.28
CA PRO A 309 -10.66 24.20 12.43
C PRO A 309 -11.33 22.92 12.89
N PHE A 310 -10.57 21.98 13.44
CA PHE A 310 -11.12 20.75 14.00
C PHE A 310 -11.49 20.88 15.47
N GLY A 311 -11.39 22.08 16.05
CA GLY A 311 -11.45 22.24 17.48
C GLY A 311 -12.81 22.67 17.98
N ILE A 312 -12.88 22.83 19.31
CA ILE A 312 -14.04 23.40 19.99
C ILE A 312 -13.96 24.92 20.07
N LEU A 313 -12.79 25.48 19.84
CA LEU A 313 -12.59 26.93 19.91
C LEU A 313 -12.04 27.44 18.57
N ASP A 314 -12.53 28.59 18.13
CA ASP A 314 -11.94 29.32 17.01
C ASP A 314 -11.95 28.47 15.75
N SER A 315 -13.04 27.72 15.56
CA SER A 315 -13.12 26.76 14.46
C SER A 315 -13.68 27.36 13.17
N GLU A 316 -14.13 28.62 13.21
CA GLU A 316 -14.51 29.35 11.99
C GLU A 316 -15.60 28.64 11.21
N ARG A 317 -16.53 28.01 11.93
CA ARG A 317 -17.71 27.43 11.30
C ARG A 317 -18.74 28.51 11.04
N LYS A 318 -19.37 28.45 9.87
CA LYS A 318 -20.33 29.47 9.49
C LYS A 318 -21.67 29.32 10.19
N ASP A 319 -21.98 28.14 10.73
CA ASP A 319 -23.32 27.84 11.19
C ASP A 319 -23.41 27.55 12.69
N VAL A 320 -22.53 28.16 13.49
CA VAL A 320 -22.49 27.91 14.92
C VAL A 320 -22.71 29.24 15.62
N GLU A 321 -23.54 29.23 16.66
CA GLU A 321 -23.70 30.39 17.54
C GLU A 321 -22.63 30.27 18.61
N TYR A 322 -21.50 30.92 18.39
CA TYR A 322 -20.36 30.75 19.27
C TYR A 322 -20.55 31.49 20.58
N GLU A 323 -20.07 30.88 21.66
CA GLU A 323 -20.03 31.49 22.97
C GLU A 323 -18.72 32.26 23.16
N GLU A 324 -18.82 33.46 23.71
CA GLU A 324 -17.62 34.22 24.03
C GLU A 324 -16.81 33.43 25.04
N TRP A 325 -15.49 33.32 24.80
CA TRP A 325 -14.62 32.59 25.72
C TRP A 325 -13.27 33.29 25.73
N TYR A 326 -13.19 34.35 26.55
CA TYR A 326 -11.95 35.07 26.85
C TYR A 326 -11.20 35.44 25.57
N GLY A 327 -11.94 36.05 24.65
CA GLY A 327 -11.40 36.51 23.38
C GLY A 327 -11.47 35.50 22.28
N HIS A 328 -11.90 34.29 22.60
CA HIS A 328 -12.06 33.20 21.66
C HIS A 328 -13.53 32.93 21.44
N LYS A 329 -13.80 32.04 20.49
CA LYS A 329 -15.15 31.63 20.08
C LYS A 329 -15.32 30.15 20.39
N LEU A 330 -16.25 29.83 21.28
CA LEU A 330 -16.44 28.49 21.79
C LEU A 330 -17.67 27.84 21.17
N ASP A 331 -17.48 26.62 20.65
CA ASP A 331 -18.57 25.77 20.16
C ASP A 331 -19.07 24.96 21.36
N ARG A 332 -20.03 25.53 22.10
CA ARG A 332 -20.43 24.93 23.37
C ARG A 332 -21.07 23.56 23.15
N LYS A 333 -21.89 23.41 22.10
CA LYS A 333 -22.52 22.11 21.86
C LYS A 333 -21.47 21.01 21.67
N MET A 334 -20.43 21.29 20.87
CA MET A 334 -19.37 20.30 20.68
C MET A 334 -18.65 20.02 21.99
N LEU A 335 -18.28 21.06 22.72
CA LEU A 335 -17.62 20.84 24.01
C LEU A 335 -18.45 19.95 24.92
N GLU A 336 -19.73 20.25 25.06
CA GLU A 336 -20.53 19.49 26.02
C GLU A 336 -20.72 18.05 25.59
N LEU A 337 -20.69 17.78 24.27
CA LEU A 337 -20.69 16.39 23.80
C LEU A 337 -19.43 15.67 24.26
N LEU A 338 -18.27 16.29 24.02
CA LEU A 338 -17.02 15.70 24.50
C LEU A 338 -17.04 15.51 26.02
N ARG A 339 -17.59 16.48 26.77
CA ARG A 339 -17.53 16.38 28.23
C ARG A 339 -18.41 15.26 28.78
N LYS A 340 -19.47 14.89 28.06
CA LYS A 340 -20.40 13.90 28.59
C LYS A 340 -20.00 12.47 28.26
N TYR A 341 -18.99 12.28 27.42
CA TYR A 341 -18.51 10.96 27.01
C TYR A 341 -17.04 10.78 27.34
N PRO B 18 -0.86 -30.50 -17.87
CA PRO B 18 0.58 -30.30 -18.07
C PRO B 18 1.08 -28.93 -17.59
N ARG B 19 2.25 -28.92 -16.97
CA ARG B 19 2.81 -27.67 -16.44
C ARG B 19 3.15 -26.72 -17.59
N TRP B 20 2.73 -25.47 -17.46
CA TRP B 20 2.98 -24.47 -18.49
C TRP B 20 4.41 -23.95 -18.40
N ARG B 21 5.08 -23.85 -19.56
CA ARG B 21 6.46 -23.39 -19.67
C ARG B 21 6.58 -22.58 -20.95
N GLY B 22 6.88 -21.29 -20.82
CA GLY B 22 6.98 -20.49 -22.02
C GLY B 22 7.31 -19.03 -21.82
N PHE B 23 6.58 -18.15 -22.52
CA PHE B 23 7.01 -16.76 -22.68
C PHE B 23 5.79 -15.85 -22.74
N ASN B 24 6.00 -14.57 -22.44
CA ASN B 24 5.06 -13.50 -22.80
C ASN B 24 5.47 -12.94 -24.17
N LEU B 25 4.49 -12.60 -25.00
CA LEU B 25 4.75 -11.94 -26.29
C LEU B 25 4.11 -10.55 -26.23
N LEU B 26 4.83 -9.53 -26.67
CA LEU B 26 4.48 -8.15 -26.33
C LEU B 26 3.96 -7.34 -27.51
N GLU B 27 3.60 -7.96 -28.62
CA GLU B 27 3.15 -7.20 -29.78
C GLU B 27 1.78 -6.55 -29.59
N ALA B 28 1.10 -6.75 -28.46
CA ALA B 28 -0.12 -6.01 -28.16
C ALA B 28 -0.03 -5.30 -26.82
N PHE B 29 1.19 -5.01 -26.39
CA PHE B 29 1.47 -4.59 -25.02
C PHE B 29 1.22 -3.10 -24.77
N SER B 30 1.52 -2.25 -25.74
CA SER B 30 1.61 -0.81 -25.58
C SER B 30 0.65 -0.11 -26.54
N ILE B 31 0.30 1.14 -26.21
CA ILE B 31 -0.51 1.93 -27.11
C ILE B 31 0.15 2.12 -28.47
N LYS B 32 1.48 1.99 -28.54
CA LYS B 32 2.23 2.12 -29.79
C LYS B 32 2.39 0.81 -30.55
N SER B 33 1.89 -0.30 -30.02
CA SER B 33 2.11 -1.62 -30.60
C SER B 33 1.26 -1.81 -31.85
N THR B 34 1.71 -2.72 -32.71
CA THR B 34 1.06 -2.96 -34.00
C THR B 34 0.09 -4.11 -33.97
N GLY B 35 0.15 -4.95 -32.94
CA GLY B 35 -0.68 -6.14 -32.86
C GLY B 35 -0.26 -7.28 -33.76
N ASN B 36 0.87 -7.16 -34.44
CA ASN B 36 1.30 -8.15 -35.44
C ASN B 36 2.30 -9.09 -34.78
N PHE B 37 1.75 -10.12 -34.18
CA PHE B 37 2.57 -11.19 -33.62
C PHE B 37 3.24 -11.96 -34.74
N LYS B 38 4.34 -12.64 -34.40
CA LYS B 38 5.21 -13.30 -35.35
C LYS B 38 5.04 -14.81 -35.24
N GLU B 39 4.59 -15.43 -36.33
CA GLU B 39 4.37 -16.87 -36.31
C GLU B 39 5.65 -17.63 -35.98
N GLU B 40 6.80 -17.17 -36.47
CA GLU B 40 8.04 -17.90 -36.21
C GLU B 40 8.35 -17.96 -34.71
N ASP B 41 7.88 -17.00 -33.90
CA ASP B 41 8.06 -17.14 -32.46
C ASP B 41 7.43 -18.43 -31.96
N PHE B 42 6.19 -18.73 -32.43
CA PHE B 42 5.52 -19.97 -32.04
C PHE B 42 6.24 -21.19 -32.57
N LEU B 43 6.66 -21.16 -33.84
CA LEU B 43 7.42 -22.27 -34.41
C LEU B 43 8.66 -22.56 -33.58
N TRP B 44 9.44 -21.52 -33.27
CA TRP B 44 10.69 -21.73 -32.57
C TRP B 44 10.48 -22.22 -31.14
N MET B 45 9.55 -21.60 -30.40
CA MET B 45 9.40 -22.06 -29.03
C MET B 45 8.85 -23.48 -28.99
N ALA B 46 8.00 -23.85 -29.94
CA ALA B 46 7.53 -25.24 -30.00
C ALA B 46 8.66 -26.23 -30.23
N GLN B 47 9.58 -25.93 -31.17
CA GLN B 47 10.66 -26.88 -31.40
CA GLN B 47 10.66 -26.88 -31.40
C GLN B 47 11.73 -26.81 -30.31
N TRP B 48 11.65 -25.84 -29.40
CA TRP B 48 12.42 -25.89 -28.17
C TRP B 48 11.62 -26.50 -27.02
N ASP B 49 10.44 -27.04 -27.29
CA ASP B 49 9.64 -27.84 -26.37
C ASP B 49 8.92 -27.00 -25.31
N PHE B 50 8.66 -25.72 -25.59
CA PHE B 50 7.79 -24.91 -24.74
C PHE B 50 6.34 -25.06 -25.19
N ASN B 51 5.42 -24.70 -24.29
CA ASN B 51 4.01 -25.00 -24.55
C ASN B 51 3.05 -23.91 -24.13
N PHE B 52 3.53 -22.69 -23.91
CA PHE B 52 2.71 -21.63 -23.34
C PHE B 52 3.16 -20.24 -23.75
N VAL B 53 2.18 -19.39 -24.05
CA VAL B 53 2.43 -17.97 -24.27
CA VAL B 53 2.41 -17.96 -24.32
C VAL B 53 1.34 -17.17 -23.57
N ARG B 54 1.76 -16.09 -22.92
CA ARG B 54 0.85 -15.10 -22.36
C ARG B 54 0.92 -13.86 -23.24
N ILE B 55 -0.25 -13.28 -23.52
CA ILE B 55 -0.41 -12.10 -24.35
C ILE B 55 -0.89 -10.91 -23.52
N PRO B 56 0.02 -10.10 -22.96
CA PRO B 56 -0.41 -8.90 -22.21
C PRO B 56 -0.88 -7.83 -23.18
N MET B 57 -2.17 -7.46 -23.08
CA MET B 57 -2.80 -6.61 -24.06
C MET B 57 -3.17 -5.26 -23.45
N CYS B 58 -3.03 -4.21 -24.27
CA CYS B 58 -3.41 -2.85 -23.92
C CYS B 58 -4.77 -2.52 -24.54
N HIS B 59 -5.79 -2.31 -23.69
CA HIS B 59 -7.14 -2.20 -24.24
C HIS B 59 -7.28 -0.98 -25.14
N LEU B 60 -6.43 0.04 -24.98
CA LEU B 60 -6.54 1.21 -25.84
C LEU B 60 -6.25 0.90 -27.30
N LEU B 61 -5.65 -0.25 -27.61
CA LEU B 61 -5.48 -0.66 -29.00
C LEU B 61 -6.81 -0.95 -29.69
N TRP B 62 -7.88 -1.19 -28.93
CA TRP B 62 -9.20 -1.37 -29.52
C TRP B 62 -10.26 -0.48 -28.88
N SER B 63 -9.86 0.49 -28.06
CA SER B 63 -10.85 1.27 -27.33
C SER B 63 -10.41 2.74 -27.36
N ASP B 64 -10.93 3.51 -26.41
CA ASP B 64 -10.77 4.95 -26.41
C ASP B 64 -10.46 5.42 -24.99
N ARG B 65 -9.53 6.37 -24.89
CA ARG B 65 -9.21 6.94 -23.58
C ARG B 65 -10.41 7.66 -22.98
N GLY B 66 -11.22 8.31 -23.81
CA GLY B 66 -12.33 9.07 -23.31
C GLY B 66 -13.55 8.22 -23.00
N ASN B 67 -13.77 7.18 -23.80
CA ASN B 67 -14.95 6.33 -23.66
C ASN B 67 -14.52 4.88 -23.51
N PRO B 68 -14.49 4.37 -22.29
CA PRO B 68 -13.95 3.02 -22.06
C PRO B 68 -14.84 1.91 -22.55
N PHE B 69 -16.01 2.21 -23.07
CA PHE B 69 -16.91 1.20 -23.60
C PHE B 69 -16.71 0.93 -25.09
N ILE B 70 -15.85 1.69 -25.76
CA ILE B 70 -15.64 1.48 -27.19
C ILE B 70 -14.87 0.18 -27.40
N ILE B 71 -15.34 -0.63 -28.35
CA ILE B 71 -14.61 -1.84 -28.77
C ILE B 71 -14.56 -1.85 -30.29
N ARG B 72 -13.36 -1.77 -30.84
CA ARG B 72 -13.15 -1.86 -32.29
C ARG B 72 -12.83 -3.32 -32.60
N GLU B 73 -13.87 -4.06 -33.00
CA GLU B 73 -13.79 -5.51 -33.11
C GLU B 73 -12.68 -5.96 -34.05
N ASP B 74 -12.37 -5.16 -35.07
CA ASP B 74 -11.42 -5.58 -36.09
C ASP B 74 -10.05 -5.87 -35.49
N PHE B 75 -9.68 -5.18 -34.42
CA PHE B 75 -8.38 -5.42 -33.81
C PHE B 75 -8.17 -6.90 -33.51
N PHE B 76 -9.25 -7.61 -33.18
CA PHE B 76 -9.13 -8.97 -32.66
C PHE B 76 -8.86 -9.99 -33.75
N GLU B 77 -8.89 -9.58 -35.02
CA GLU B 77 -8.36 -10.43 -36.07
C GLU B 77 -6.90 -10.75 -35.82
N LYS B 78 -6.17 -9.83 -35.18
CA LYS B 78 -4.77 -10.06 -34.85
C LYS B 78 -4.64 -11.09 -33.73
N ILE B 79 -5.59 -11.08 -32.79
CA ILE B 79 -5.56 -12.07 -31.72
C ILE B 79 -6.09 -13.42 -32.23
N ASP B 80 -7.05 -13.41 -33.17
CA ASP B 80 -7.48 -14.64 -33.83
C ASP B 80 -6.29 -15.40 -34.43
N ARG B 81 -5.32 -14.67 -34.98
CA ARG B 81 -4.17 -15.33 -35.59
C ARG B 81 -3.33 -16.06 -34.54
N VAL B 82 -3.18 -15.43 -33.36
CA VAL B 82 -2.43 -16.04 -32.27
C VAL B 82 -3.09 -17.33 -31.82
N ILE B 83 -4.43 -17.33 -31.73
CA ILE B 83 -5.13 -18.56 -31.35
C ILE B 83 -4.92 -19.65 -32.40
N PHE B 84 -4.96 -19.28 -33.68
CA PHE B 84 -4.64 -20.22 -34.74
C PHE B 84 -3.25 -20.82 -34.55
N TRP B 85 -2.24 -19.96 -34.38
CA TRP B 85 -0.89 -20.44 -34.18
C TRP B 85 -0.77 -21.26 -32.90
N GLY B 86 -1.54 -20.93 -31.86
CA GLY B 86 -1.55 -21.79 -30.68
C GLY B 86 -1.98 -23.21 -30.99
N GLU B 87 -3.02 -23.35 -31.81
CA GLU B 87 -3.44 -24.68 -32.24
C GLU B 87 -2.37 -25.33 -33.12
N LYS B 88 -1.80 -24.55 -34.06
CA LYS B 88 -0.93 -25.12 -35.07
C LYS B 88 0.35 -25.66 -34.45
N TYR B 89 0.85 -25.00 -33.40
CA TYR B 89 2.14 -25.35 -32.80
C TYR B 89 2.02 -25.96 -31.41
N GLY B 90 0.80 -26.18 -30.92
CA GLY B 90 0.61 -26.83 -29.63
C GLY B 90 1.03 -25.95 -28.48
N ILE B 91 0.68 -24.66 -28.53
CA ILE B 91 1.04 -23.65 -27.53
C ILE B 91 -0.24 -23.11 -26.92
N HIS B 92 -0.37 -23.22 -25.60
CA HIS B 92 -1.51 -22.63 -24.90
C HIS B 92 -1.43 -21.12 -24.97
N ILE B 93 -2.59 -20.47 -25.18
CA ILE B 93 -2.68 -19.01 -25.25
C ILE B 93 -3.39 -18.50 -24.00
N CYS B 94 -2.72 -17.64 -23.25
CA CYS B 94 -3.33 -16.96 -22.12
C CYS B 94 -3.42 -15.48 -22.49
N ILE B 95 -4.66 -14.96 -22.73
CA ILE B 95 -4.79 -13.54 -23.04
C ILE B 95 -5.07 -12.76 -21.76
N SER B 96 -4.40 -11.62 -21.66
CA SER B 96 -4.37 -10.81 -20.45
C SER B 96 -4.66 -9.37 -20.78
N LEU B 97 -5.38 -8.67 -19.89
CA LEU B 97 -5.45 -7.22 -19.97
C LEU B 97 -4.32 -6.61 -19.14
N HIS B 98 -3.31 -6.10 -19.84
CA HIS B 98 -2.24 -5.36 -19.18
C HIS B 98 -2.67 -3.92 -18.85
N ARG B 99 -3.47 -3.32 -19.73
CA ARG B 99 -4.22 -2.11 -19.43
C ARG B 99 -5.68 -2.43 -19.68
N ALA B 100 -6.52 -2.07 -18.72
CA ALA B 100 -7.96 -2.11 -18.82
C ALA B 100 -8.49 -0.75 -18.42
N PRO B 101 -9.76 -0.47 -18.68
CA PRO B 101 -10.36 0.76 -18.15
C PRO B 101 -10.09 0.94 -16.67
N GLY B 102 -9.40 2.03 -16.34
CA GLY B 102 -9.10 2.35 -14.95
C GLY B 102 -7.90 1.67 -14.31
N TYR B 103 -7.09 0.91 -15.06
CA TYR B 103 -5.90 0.35 -14.43
C TYR B 103 -4.84 -0.15 -15.42
N SER B 104 -3.60 0.25 -15.17
CA SER B 104 -2.42 -0.41 -15.75
C SER B 104 -1.21 -0.07 -14.89
N VAL B 105 -0.29 -1.03 -14.77
CA VAL B 105 1.01 -0.70 -14.19
C VAL B 105 1.86 0.08 -15.16
N ASN B 106 1.48 0.09 -16.43
CA ASN B 106 2.26 0.81 -17.45
C ASN B 106 1.99 2.31 -17.33
N LYS B 107 3.05 3.08 -17.09
CA LYS B 107 2.93 4.53 -16.92
C LYS B 107 2.84 5.29 -18.23
N GLU B 108 2.85 4.63 -19.40
CA GLU B 108 2.89 5.34 -20.67
C GLU B 108 1.64 6.20 -20.86
N VAL B 109 0.52 5.79 -20.25
CA VAL B 109 -0.72 6.54 -20.22
C VAL B 109 -1.20 6.53 -18.76
N GLU B 110 -1.61 7.68 -18.25
CA GLU B 110 -2.21 7.76 -16.92
C GLU B 110 -3.71 7.53 -17.04
N GLU B 111 -4.22 6.52 -16.34
CA GLU B 111 -5.67 6.36 -16.27
C GLU B 111 -6.26 7.47 -15.39
N LYS B 112 -7.28 8.14 -15.88
CA LYS B 112 -7.95 9.16 -15.10
C LYS B 112 -8.96 8.58 -14.12
N THR B 113 -9.36 7.32 -14.30
CA THR B 113 -10.27 6.64 -13.39
C THR B 113 -9.54 5.51 -12.66
N ASN B 114 -10.17 5.00 -11.62
CA ASN B 114 -9.60 3.94 -10.80
C ASN B 114 -10.52 2.73 -10.87
N LEU B 115 -10.08 1.71 -11.63
CA LEU B 115 -10.88 0.51 -11.80
C LEU B 115 -11.38 -0.06 -10.48
N TRP B 116 -10.58 0.06 -9.42
CA TRP B 116 -10.86 -0.65 -8.19
C TRP B 116 -11.96 0.01 -7.38
N LYS B 117 -12.27 1.28 -7.67
CA LYS B 117 -13.27 2.04 -6.94
C LYS B 117 -14.41 2.59 -7.78
N ASP B 118 -14.27 2.65 -9.11
CA ASP B 118 -15.16 3.43 -9.97
CA ASP B 118 -15.15 3.42 -9.98
C ASP B 118 -16.13 2.49 -10.68
N GLU B 119 -17.43 2.66 -10.38
CA GLU B 119 -18.47 1.80 -10.93
C GLU B 119 -18.42 1.77 -12.45
N THR B 120 -18.16 2.91 -13.08
CA THR B 120 -18.20 2.97 -14.53
C THR B 120 -17.04 2.19 -15.14
N ALA B 121 -15.83 2.37 -14.59
CA ALA B 121 -14.69 1.60 -15.07
C ALA B 121 -14.94 0.10 -14.95
N GLN B 122 -15.57 -0.31 -13.85
CA GLN B 122 -15.83 -1.73 -13.64
C GLN B 122 -16.86 -2.25 -14.62
N GLU B 123 -17.90 -1.46 -14.92
CA GLU B 123 -18.83 -1.81 -15.97
C GLU B 123 -18.11 -2.00 -17.30
N ALA B 124 -17.21 -1.06 -17.65
CA ALA B 124 -16.48 -1.17 -18.91
C ALA B 124 -15.56 -2.40 -18.90
N PHE B 125 -14.88 -2.65 -17.78
CA PHE B 125 -14.05 -3.84 -17.64
C PHE B 125 -14.83 -5.10 -17.96
N ILE B 126 -16.00 -5.24 -17.36
CA ILE B 126 -16.83 -6.44 -17.58
C ILE B 126 -17.34 -6.44 -19.01
N HIS B 127 -17.63 -5.25 -19.55
CA HIS B 127 -18.02 -5.11 -20.96
C HIS B 127 -16.97 -5.68 -21.90
N HIS B 128 -15.69 -5.35 -21.67
CA HIS B 128 -14.62 -5.87 -22.52
C HIS B 128 -14.47 -7.37 -22.36
N TRP B 129 -14.47 -7.85 -21.11
CA TRP B 129 -14.29 -9.29 -20.94
C TRP B 129 -15.47 -10.07 -21.49
N SER B 130 -16.66 -9.49 -21.46
CA SER B 130 -17.84 -10.17 -22.03
C SER B 130 -17.70 -10.31 -23.53
N PHE B 131 -17.24 -9.25 -24.21
CA PHE B 131 -16.99 -9.33 -25.65
C PHE B 131 -15.95 -10.40 -25.96
N ILE B 132 -14.83 -10.42 -25.24
CA ILE B 132 -13.79 -11.40 -25.50
C ILE B 132 -14.31 -12.81 -25.24
N ALA B 133 -15.05 -12.99 -24.15
CA ALA B 133 -15.60 -14.31 -23.85
C ALA B 133 -16.51 -14.80 -24.95
N ARG B 134 -17.36 -13.91 -25.47
CA ARG B 134 -18.26 -14.32 -26.55
C ARG B 134 -17.48 -14.66 -27.81
N ARG B 135 -16.47 -13.86 -28.13
CA ARG B 135 -15.74 -14.08 -29.37
C ARG B 135 -15.08 -15.46 -29.40
N TYR B 136 -14.54 -15.91 -28.26
CA TYR B 136 -13.74 -17.13 -28.21
C TYR B 136 -14.46 -18.28 -27.50
N LYS B 137 -15.76 -18.18 -27.29
CA LYS B 137 -16.53 -19.32 -26.81
C LYS B 137 -16.36 -20.45 -27.82
N GLY B 138 -16.05 -21.65 -27.33
CA GLY B 138 -15.80 -22.76 -28.23
C GLY B 138 -14.34 -23.01 -28.54
N ILE B 139 -13.45 -22.11 -28.15
CA ILE B 139 -12.04 -22.45 -28.02
C ILE B 139 -11.86 -23.02 -26.62
N SER B 140 -11.44 -24.28 -26.53
CA SER B 140 -11.37 -24.97 -25.25
C SER B 140 -10.32 -24.34 -24.33
N SER B 141 -10.47 -24.61 -23.03
CA SER B 141 -9.53 -24.10 -22.03
C SER B 141 -8.17 -24.75 -22.15
N THR B 142 -8.07 -25.93 -22.76
CA THR B 142 -6.74 -26.47 -23.02
CA THR B 142 -6.76 -26.50 -23.05
C THR B 142 -5.93 -25.54 -23.90
N HIS B 143 -6.59 -24.82 -24.81
CA HIS B 143 -5.91 -23.92 -25.74
C HIS B 143 -5.97 -22.45 -25.37
N LEU B 144 -6.92 -22.03 -24.54
CA LEU B 144 -7.10 -20.60 -24.28
C LEU B 144 -7.58 -20.34 -22.86
N SER B 145 -6.89 -19.43 -22.15
CA SER B 145 -7.30 -18.98 -20.83
C SER B 145 -7.31 -17.45 -20.84
N PHE B 146 -8.05 -16.90 -19.89
CA PHE B 146 -8.23 -15.46 -19.70
C PHE B 146 -7.58 -15.04 -18.39
N ASN B 147 -6.68 -14.07 -18.44
CA ASN B 147 -6.02 -13.51 -17.26
C ASN B 147 -6.59 -12.10 -17.08
N LEU B 148 -7.43 -11.92 -16.05
CA LEU B 148 -8.39 -10.81 -16.09
C LEU B 148 -7.70 -9.46 -16.05
N ILE B 149 -6.71 -9.28 -15.18
CA ILE B 149 -6.04 -7.99 -15.06
C ILE B 149 -4.62 -8.21 -14.55
N ASN B 150 -3.66 -7.57 -15.21
CA ASN B 150 -2.26 -7.72 -14.84
C ASN B 150 -1.88 -6.93 -13.59
N GLU B 151 -1.27 -7.62 -12.64
CA GLU B 151 -0.57 -7.02 -11.49
C GLU B 151 -1.36 -5.93 -10.76
N PRO B 152 -2.46 -6.28 -10.11
CA PRO B 152 -3.07 -5.36 -9.16
C PRO B 152 -2.06 -4.94 -8.10
N PRO B 153 -2.27 -3.78 -7.50
CA PRO B 153 -1.27 -3.26 -6.56
C PRO B 153 -1.38 -3.86 -5.18
N PHE B 154 -0.61 -3.34 -4.23
CA PHE B 154 -0.83 -3.77 -2.87
C PHE B 154 -2.16 -3.20 -2.39
N PRO B 155 -2.86 -3.92 -1.51
CA PRO B 155 -4.24 -3.56 -1.17
C PRO B 155 -4.36 -2.42 -0.17
N ASP B 156 -3.83 -1.27 -0.54
CA ASP B 156 -4.08 -0.04 0.21
C ASP B 156 -5.53 0.35 -0.02
N PRO B 157 -6.41 0.31 0.98
CA PRO B 157 -7.85 0.52 0.73
C PRO B 157 -8.18 1.93 0.25
N GLN B 158 -7.24 2.87 0.32
CA GLN B 158 -7.46 4.17 -0.30
C GLN B 158 -7.37 4.10 -1.82
N ILE B 159 -6.87 2.99 -2.36
CA ILE B 159 -6.78 2.78 -3.80
C ILE B 159 -7.50 1.50 -4.20
N MET B 160 -7.23 0.42 -3.51
CA MET B 160 -7.85 -0.88 -3.78
C MET B 160 -7.82 -1.70 -2.50
N SER B 161 -8.97 -1.91 -1.88
CA SER B 161 -9.02 -2.82 -0.74
C SER B 161 -8.99 -4.26 -1.26
N VAL B 162 -8.75 -5.20 -0.35
CA VAL B 162 -8.84 -6.61 -0.75
C VAL B 162 -10.25 -6.91 -1.23
N GLU B 163 -11.25 -6.33 -0.58
CA GLU B 163 -12.64 -6.58 -0.95
C GLU B 163 -12.97 -5.92 -2.28
N ASP B 164 -12.43 -4.73 -2.56
CA ASP B 164 -12.60 -4.12 -3.88
C ASP B 164 -12.15 -5.08 -4.97
N HIS B 165 -10.97 -5.63 -4.79
CA HIS B 165 -10.42 -6.54 -5.78
C HIS B 165 -11.28 -7.78 -5.92
N ASN B 166 -11.55 -8.45 -4.80
CA ASN B 166 -12.23 -9.73 -4.87
C ASN B 166 -13.64 -9.61 -5.41
N SER B 167 -14.37 -8.57 -5.01
CA SER B 167 -15.75 -8.47 -5.51
C SER B 167 -15.77 -8.18 -7.00
N LEU B 168 -14.80 -7.40 -7.50
CA LEU B 168 -14.75 -7.16 -8.94
C LEU B 168 -14.38 -8.43 -9.69
N ILE B 169 -13.37 -9.15 -9.21
CA ILE B 169 -12.95 -10.37 -9.89
C ILE B 169 -14.09 -11.38 -9.91
N LYS B 170 -14.81 -11.50 -8.79
CA LYS B 170 -15.93 -12.46 -8.75
C LYS B 170 -17.03 -12.05 -9.71
N ARG B 171 -17.37 -10.75 -9.74
CA ARG B 171 -18.41 -10.29 -10.66
C ARG B 171 -18.02 -10.57 -12.10
N THR B 172 -16.76 -10.34 -12.42
CA THR B 172 -16.29 -10.51 -13.79
C THR B 172 -16.30 -11.97 -14.19
N ILE B 173 -15.77 -12.85 -13.33
CA ILE B 173 -15.83 -14.28 -13.59
C ILE B 173 -17.29 -14.72 -13.77
N THR B 174 -18.19 -14.22 -12.93
CA THR B 174 -19.59 -14.60 -13.05
C THR B 174 -20.14 -14.26 -14.44
N GLU B 175 -19.79 -13.09 -14.98
CA GLU B 175 -20.35 -12.73 -16.28
C GLU B 175 -19.67 -13.50 -17.41
N ILE B 176 -18.37 -13.73 -17.30
CA ILE B 176 -17.67 -14.55 -18.28
C ILE B 176 -18.25 -15.95 -18.31
N ARG B 177 -18.52 -16.53 -17.14
CA ARG B 177 -18.99 -17.92 -17.07
C ARG B 177 -20.46 -18.07 -17.46
N LYS B 178 -21.27 -17.02 -17.35
CA LYS B 178 -22.60 -17.10 -17.95
C LYS B 178 -22.51 -17.24 -19.46
N ILE B 179 -21.49 -16.65 -20.07
CA ILE B 179 -21.27 -16.76 -21.51
C ILE B 179 -20.58 -18.08 -21.85
N ASP B 180 -19.55 -18.42 -21.09
CA ASP B 180 -18.73 -19.62 -21.33
C ASP B 180 -18.44 -20.32 -20.01
N PRO B 181 -19.29 -21.25 -19.59
CA PRO B 181 -19.15 -21.82 -18.24
C PRO B 181 -17.84 -22.56 -18.01
N GLU B 182 -17.16 -22.98 -19.06
CA GLU B 182 -15.97 -23.83 -18.91
C GLU B 182 -14.67 -23.03 -18.98
N ARG B 183 -14.72 -21.72 -19.15
CA ARG B 183 -13.51 -20.95 -19.43
C ARG B 183 -12.57 -20.88 -18.22
N LEU B 184 -11.34 -21.33 -18.44
CA LEU B 184 -10.28 -21.23 -17.44
C LEU B 184 -9.86 -19.78 -17.24
N ILE B 185 -9.77 -19.36 -15.98
CA ILE B 185 -9.43 -17.98 -15.65
C ILE B 185 -8.22 -17.94 -14.74
N ILE B 186 -7.32 -17.01 -15.05
CA ILE B 186 -6.06 -16.82 -14.35
C ILE B 186 -6.15 -15.51 -13.58
N ILE B 187 -5.80 -15.54 -12.30
CA ILE B 187 -5.96 -14.39 -11.41
C ILE B 187 -4.58 -14.04 -10.87
N ASP B 188 -4.10 -12.84 -11.18
CA ASP B 188 -2.80 -12.39 -10.67
C ASP B 188 -2.89 -12.11 -9.17
N GLY B 189 -1.80 -12.41 -8.46
CA GLY B 189 -1.71 -12.02 -7.05
C GLY B 189 -1.72 -10.53 -6.85
N LEU B 190 -2.05 -10.14 -5.62
CA LEU B 190 -1.97 -8.75 -5.24
C LEU B 190 -0.51 -8.36 -5.06
N GLY B 191 -0.27 -7.08 -4.83
CA GLY B 191 1.11 -6.63 -4.69
C GLY B 191 1.93 -6.88 -5.94
N TYR B 192 1.34 -6.58 -7.10
CA TYR B 192 1.96 -6.75 -8.42
C TYR B 192 2.32 -8.22 -8.65
N GLY B 193 1.36 -9.09 -8.36
CA GLY B 193 1.52 -10.50 -8.64
C GLY B 193 2.34 -11.27 -7.65
N ASN B 194 2.50 -10.75 -6.42
CA ASN B 194 3.35 -11.40 -5.43
C ASN B 194 2.64 -11.96 -4.20
N ILE B 195 1.37 -11.61 -3.96
CA ILE B 195 0.65 -12.00 -2.77
C ILE B 195 -0.51 -12.89 -3.18
N PRO B 196 -0.58 -14.14 -2.69
CA PRO B 196 -1.76 -14.98 -2.98
C PRO B 196 -3.04 -14.32 -2.51
N VAL B 197 -4.12 -14.58 -3.24
CA VAL B 197 -5.43 -14.04 -2.91
C VAL B 197 -6.20 -15.12 -2.14
N ASP B 198 -6.50 -14.86 -0.87
CA ASP B 198 -6.97 -15.91 0.01
C ASP B 198 -8.43 -16.29 -0.19
N ASP B 199 -9.28 -15.36 -0.61
CA ASP B 199 -10.73 -15.58 -0.62
C ASP B 199 -11.28 -15.65 -2.04
N LEU B 200 -10.52 -16.25 -2.96
CA LEU B 200 -10.95 -16.46 -4.34
C LEU B 200 -10.83 -17.95 -4.67
N THR B 201 -11.61 -18.77 -3.99
CA THR B 201 -11.59 -20.21 -4.21
C THR B 201 -12.72 -20.54 -5.18
N ILE B 202 -12.45 -20.24 -6.45
CA ILE B 202 -13.43 -20.39 -7.52
C ILE B 202 -12.99 -21.56 -8.40
N GLU B 203 -13.95 -22.39 -8.80
CA GLU B 203 -13.62 -23.56 -9.61
C GLU B 203 -12.89 -23.13 -10.89
N ASN B 204 -11.96 -23.98 -11.32
CA ASN B 204 -11.29 -23.82 -12.62
C ASN B 204 -10.60 -22.46 -12.73
N THR B 205 -9.88 -22.11 -11.68
CA THR B 205 -9.04 -20.92 -11.69
C THR B 205 -7.62 -21.28 -11.33
N VAL B 206 -6.71 -20.41 -11.75
CA VAL B 206 -5.29 -20.48 -11.46
C VAL B 206 -4.86 -19.12 -10.97
N GLN B 207 -4.05 -19.09 -9.92
CA GLN B 207 -3.48 -17.82 -9.46
C GLN B 207 -2.06 -17.71 -9.96
N SER B 208 -1.68 -16.49 -10.34
CA SER B 208 -0.42 -16.25 -11.03
C SER B 208 0.49 -15.40 -10.16
N CYS B 209 1.69 -15.88 -9.91
CA CYS B 209 2.68 -15.15 -9.13
C CYS B 209 3.74 -14.57 -10.08
N ARG B 210 4.84 -14.09 -9.52
CA ARG B 210 5.86 -13.39 -10.29
C ARG B 210 7.25 -13.84 -9.89
N GLY B 211 8.16 -13.75 -10.85
CA GLY B 211 9.55 -14.15 -10.69
C GLY B 211 10.55 -13.05 -10.97
N TYR B 212 10.38 -11.91 -10.28
CA TYR B 212 11.28 -10.77 -10.38
C TYR B 212 12.05 -10.51 -9.10
N ILE B 213 11.88 -11.34 -8.07
CA ILE B 213 12.59 -11.15 -6.82
C ILE B 213 13.98 -11.78 -6.98
N PRO B 214 15.08 -11.05 -6.73
CA PRO B 214 15.15 -9.66 -6.25
C PRO B 214 15.39 -8.62 -7.34
N PHE B 215 14.84 -7.43 -7.13
CA PHE B 215 14.92 -6.35 -8.12
C PHE B 215 16.35 -5.89 -8.43
N SER B 216 17.29 -6.00 -7.50
CA SER B 216 18.66 -5.60 -7.85
C SER B 216 19.26 -6.51 -8.92
N VAL B 217 18.77 -7.74 -9.05
CA VAL B 217 19.16 -8.63 -10.14
C VAL B 217 18.29 -8.42 -11.37
N THR B 218 16.97 -8.38 -11.18
CA THR B 218 16.05 -8.47 -12.31
C THR B 218 15.76 -7.13 -12.97
N HIS B 219 15.89 -6.02 -12.21
CA HIS B 219 15.51 -4.70 -12.70
C HIS B 219 16.64 -3.68 -12.54
N TYR B 220 17.88 -4.14 -12.42
CA TYR B 220 19.02 -3.24 -12.38
C TYR B 220 19.02 -2.31 -13.60
N LYS B 221 19.07 -1.01 -13.32
CA LYS B 221 19.08 0.05 -14.33
C LYS B 221 17.82 0.06 -15.21
N ALA B 222 16.74 -0.54 -14.75
CA ALA B 222 15.47 -0.45 -15.48
C ALA B 222 14.95 0.99 -15.46
N GLU B 223 14.54 1.49 -16.63
CA GLU B 223 14.18 2.90 -16.77
C GLU B 223 12.78 3.19 -16.23
N TRP B 224 11.90 2.19 -16.24
CA TRP B 224 10.49 2.36 -15.92
C TRP B 224 10.17 2.09 -14.45
N VAL B 225 11.18 1.85 -13.63
CA VAL B 225 11.03 1.85 -12.18
C VAL B 225 12.11 2.75 -11.62
N ASP B 226 11.93 3.16 -10.35
CA ASP B 226 12.93 4.00 -9.68
C ASP B 226 14.08 3.12 -9.22
N SER B 227 15.07 2.96 -10.10
CA SER B 227 16.15 2.00 -9.90
C SER B 227 17.49 2.66 -9.58
N LYS B 228 17.54 3.99 -9.54
CA LYS B 228 18.81 4.69 -9.52
C LYS B 228 19.67 4.29 -8.33
N ASP B 229 19.06 3.87 -7.22
CA ASP B 229 19.81 3.53 -6.01
C ASP B 229 19.93 2.03 -5.78
N PHE B 230 19.52 1.20 -6.74
CA PHE B 230 19.70 -0.23 -6.59
C PHE B 230 21.19 -0.55 -6.44
N PRO B 231 21.55 -1.48 -5.56
CA PRO B 231 22.94 -1.91 -5.47
C PRO B 231 23.34 -2.74 -6.68
N VAL B 232 24.64 -2.84 -6.88
CA VAL B 232 25.22 -3.66 -7.95
C VAL B 232 24.67 -5.08 -7.81
N PRO B 233 24.29 -5.74 -8.91
CA PRO B 233 23.68 -7.08 -8.77
C PRO B 233 24.65 -8.08 -8.19
N GLU B 234 24.13 -8.91 -7.28
CA GLU B 234 24.84 -10.11 -6.88
C GLU B 234 23.80 -11.17 -6.53
N TRP B 235 24.23 -12.43 -6.59
CA TRP B 235 23.36 -13.53 -6.25
C TRP B 235 24.28 -14.64 -5.74
N PRO B 236 24.02 -15.23 -4.57
CA PRO B 236 22.93 -14.91 -3.64
C PRO B 236 23.15 -13.57 -2.97
N ASN B 237 22.29 -13.26 -2.01
CA ASN B 237 22.30 -11.97 -1.32
C ASN B 237 21.93 -10.83 -2.26
N GLY B 238 21.03 -11.11 -3.20
CA GLY B 238 20.43 -10.04 -3.98
C GLY B 238 19.49 -9.19 -3.14
N TRP B 239 19.26 -7.97 -3.61
CA TRP B 239 18.57 -6.95 -2.83
C TRP B 239 17.21 -6.66 -3.44
N HIS B 240 16.18 -6.58 -2.59
CA HIS B 240 14.82 -6.34 -3.06
C HIS B 240 14.12 -5.41 -2.08
N PHE B 241 13.98 -4.13 -2.45
CA PHE B 241 13.30 -3.15 -1.60
C PHE B 241 13.77 -3.25 -0.14
N GLY B 242 15.10 -3.27 0.05
CA GLY B 242 15.73 -3.22 1.35
C GLY B 242 16.04 -4.56 2.01
N GLU B 243 15.52 -5.66 1.49
CA GLU B 243 15.75 -6.98 2.04
C GLU B 243 16.68 -7.77 1.15
N TYR B 244 17.44 -8.68 1.75
CA TYR B 244 18.37 -9.51 1.01
C TYR B 244 17.79 -10.91 0.81
N TRP B 245 17.98 -11.43 -0.39
CA TRP B 245 17.36 -12.68 -0.80
C TRP B 245 18.38 -13.73 -1.18
N ASN B 246 18.02 -14.98 -0.90
CA ASN B 246 18.77 -16.14 -1.34
C ASN B 246 17.77 -17.22 -1.75
N ARG B 247 18.30 -18.40 -2.05
CA ARG B 247 17.46 -19.48 -2.53
C ARG B 247 16.47 -19.94 -1.47
N GLU B 248 16.89 -19.93 -0.21
CA GLU B 248 16.01 -20.39 0.86
C GLU B 248 14.83 -19.44 1.04
N LYS B 249 15.09 -18.13 0.94
CA LYS B 249 14.02 -17.15 1.02
C LYS B 249 13.06 -17.26 -0.17
N LEU B 250 13.60 -17.49 -1.38
CA LEU B 250 12.71 -17.75 -2.52
C LEU B 250 11.83 -18.97 -2.25
N LEU B 251 12.43 -20.06 -1.76
CA LEU B 251 11.65 -21.26 -1.44
C LEU B 251 10.52 -20.95 -0.47
N GLU B 252 10.84 -20.25 0.63
CA GLU B 252 9.81 -19.90 1.61
C GLU B 252 8.69 -19.12 0.96
N HIS B 253 9.04 -18.17 0.10
CA HIS B 253 8.05 -17.34 -0.58
C HIS B 253 7.11 -18.17 -1.44
N TYR B 254 7.66 -19.01 -2.33
CA TYR B 254 6.79 -19.79 -3.23
C TYR B 254 6.08 -20.94 -2.52
N LEU B 255 6.60 -21.39 -1.38
CA LEU B 255 5.86 -22.34 -0.56
C LEU B 255 4.55 -21.75 -0.07
N THR B 256 4.55 -20.46 0.29
CA THR B 256 3.28 -19.84 0.69
CA THR B 256 3.28 -19.81 0.69
C THR B 256 2.31 -19.83 -0.48
N TRP B 257 2.82 -19.71 -1.70
CA TRP B 257 1.96 -19.68 -2.88
C TRP B 257 1.28 -21.02 -3.10
N ILE B 258 2.04 -22.12 -3.06
CA ILE B 258 1.44 -23.40 -3.42
C ILE B 258 0.51 -23.93 -2.34
N LYS B 259 0.44 -23.27 -1.17
CA LYS B 259 -0.60 -23.60 -0.20
C LYS B 259 -2.00 -23.46 -0.79
N LEU B 260 -2.16 -22.63 -1.83
CA LEU B 260 -3.45 -22.48 -2.50
C LEU B 260 -3.95 -23.79 -3.07
N ARG B 261 -3.04 -24.72 -3.36
CA ARG B 261 -3.46 -26.01 -3.90
C ARG B 261 -4.31 -26.78 -2.90
N GLN B 262 -4.12 -26.53 -1.60
CA GLN B 262 -4.92 -27.20 -0.58
C GLN B 262 -6.40 -26.88 -0.76
N LYS B 263 -6.72 -25.76 -1.40
CA LYS B 263 -8.08 -25.36 -1.70
C LYS B 263 -8.50 -25.68 -3.13
N GLY B 264 -7.67 -26.36 -3.90
CA GLY B 264 -8.00 -26.65 -5.29
C GLY B 264 -7.63 -25.58 -6.29
N ILE B 265 -6.74 -24.67 -5.94
CA ILE B 265 -6.34 -23.58 -6.81
C ILE B 265 -4.90 -23.84 -7.26
N GLU B 266 -4.70 -23.93 -8.56
CA GLU B 266 -3.35 -24.12 -9.06
C GLU B 266 -2.62 -22.80 -9.11
N VAL B 267 -1.30 -22.89 -9.13
CA VAL B 267 -0.41 -21.72 -9.13
C VAL B 267 0.55 -21.79 -10.31
N PHE B 268 0.87 -20.61 -10.85
CA PHE B 268 1.68 -20.49 -12.06
C PHE B 268 2.45 -19.17 -11.95
N CYS B 269 3.68 -19.12 -12.47
CA CYS B 269 4.47 -17.89 -12.44
C CYS B 269 4.32 -17.22 -13.80
N GLY B 270 3.44 -16.22 -13.86
CA GLY B 270 3.03 -15.65 -15.13
C GLY B 270 4.07 -14.77 -15.79
N GLU B 271 4.99 -14.21 -15.01
CA GLU B 271 6.10 -13.44 -15.56
C GLU B 271 7.33 -13.66 -14.69
N MET B 272 8.47 -13.81 -15.32
CA MET B 272 9.73 -13.91 -14.60
C MET B 272 10.85 -13.43 -15.50
N GLY B 273 12.00 -13.11 -14.90
CA GLY B 273 13.20 -12.88 -15.67
C GLY B 273 14.00 -11.68 -15.21
N ALA B 274 15.07 -11.40 -15.95
CA ALA B 274 15.97 -10.31 -15.61
C ALA B 274 16.25 -9.45 -16.83
N TYR B 275 16.38 -8.15 -16.56
CA TYR B 275 16.69 -7.14 -17.57
C TYR B 275 18.15 -7.27 -18.02
N ASN B 276 18.52 -6.50 -19.04
CA ASN B 276 19.71 -6.78 -19.83
C ASN B 276 20.93 -5.98 -19.44
N LYS B 277 20.91 -5.30 -18.28
CA LYS B 277 22.08 -4.60 -17.76
C LYS B 277 22.73 -5.34 -16.61
N THR B 278 22.18 -6.46 -16.20
CA THR B 278 22.75 -7.28 -15.15
C THR B 278 23.76 -8.25 -15.75
N PRO B 279 24.96 -8.36 -15.18
CA PRO B 279 25.94 -9.30 -15.71
C PRO B 279 25.37 -10.70 -15.88
N HIS B 280 25.76 -11.34 -16.98
CA HIS B 280 25.11 -12.58 -17.40
C HIS B 280 25.28 -13.68 -16.35
N ASP B 281 26.45 -13.74 -15.73
CA ASP B 281 26.70 -14.82 -14.77
C ASP B 281 25.77 -14.68 -13.57
N VAL B 282 25.52 -13.45 -13.15
CA VAL B 282 24.57 -13.23 -12.06
C VAL B 282 23.16 -13.66 -12.49
N VAL B 283 22.73 -13.27 -13.69
CA VAL B 283 21.42 -13.66 -14.17
C VAL B 283 21.28 -15.18 -14.15
N LEU B 284 22.27 -15.88 -14.70
CA LEU B 284 22.12 -17.33 -14.83
C LEU B 284 22.14 -18.03 -13.48
N LYS B 285 22.95 -17.55 -12.53
CA LYS B 285 22.95 -18.15 -11.21
C LYS B 285 21.60 -17.97 -10.54
N TRP B 286 21.06 -16.74 -10.60
CA TRP B 286 19.78 -16.47 -9.98
C TRP B 286 18.67 -17.27 -10.65
N LEU B 287 18.65 -17.25 -11.99
CA LEU B 287 17.61 -17.95 -12.73
C LEU B 287 17.66 -19.45 -12.48
N GLU B 288 18.87 -20.02 -12.39
CA GLU B 288 18.94 -21.45 -12.08
C GLU B 288 18.34 -21.74 -10.71
N ASP B 289 18.63 -20.90 -9.70
CA ASP B 289 18.01 -21.13 -8.39
C ASP B 289 16.49 -21.02 -8.47
N LEU B 290 15.98 -20.01 -9.17
CA LEU B 290 14.53 -19.85 -9.27
C LEU B 290 13.91 -21.08 -9.95
N LEU B 291 14.52 -21.56 -11.02
CA LEU B 291 14.00 -22.71 -11.73
C LEU B 291 14.10 -23.97 -10.90
N GLU B 292 15.14 -24.10 -10.08
CA GLU B 292 15.22 -25.23 -9.16
C GLU B 292 14.05 -25.23 -8.20
N ILE B 293 13.68 -24.06 -7.70
CA ILE B 293 12.54 -23.94 -6.81
C ILE B 293 11.25 -24.30 -7.54
N PHE B 294 11.07 -23.75 -8.75
CA PHE B 294 9.87 -24.03 -9.51
C PHE B 294 9.76 -25.50 -9.87
N LYS B 295 10.90 -26.16 -10.14
CA LYS B 295 10.82 -27.59 -10.40
C LYS B 295 10.48 -28.34 -9.12
N THR B 296 11.07 -27.95 -7.99
CA THR B 296 10.77 -28.59 -6.72
C THR B 296 9.30 -28.50 -6.39
N LEU B 297 8.69 -27.36 -6.66
CA LEU B 297 7.30 -27.10 -6.29
C LEU B 297 6.33 -27.25 -7.44
N ASN B 298 6.81 -27.71 -8.61
CA ASN B 298 5.99 -27.93 -9.81
C ASN B 298 5.20 -26.67 -10.18
N ILE B 299 5.90 -25.55 -10.24
CA ILE B 299 5.31 -24.27 -10.62
C ILE B 299 5.75 -23.98 -12.05
N GLY B 300 4.77 -23.81 -12.94
CA GLY B 300 5.04 -23.39 -14.29
C GLY B 300 5.51 -21.96 -14.36
N PHE B 301 5.97 -21.55 -15.55
CA PHE B 301 6.60 -20.24 -15.67
C PHE B 301 6.52 -19.70 -17.08
N ALA B 302 6.61 -18.38 -17.18
CA ALA B 302 6.72 -17.68 -18.46
C ALA B 302 7.74 -16.55 -18.32
N LEU B 303 8.79 -16.62 -19.13
CA LEU B 303 9.77 -15.56 -19.21
C LEU B 303 9.08 -14.32 -19.77
N TRP B 304 9.44 -13.14 -19.25
CA TRP B 304 8.73 -11.94 -19.65
C TRP B 304 8.89 -11.60 -21.13
N ASN B 305 10.03 -11.90 -21.75
CA ASN B 305 10.17 -11.76 -23.19
C ASN B 305 10.63 -13.08 -23.80
N PHE B 306 10.28 -13.27 -25.07
CA PHE B 306 10.89 -14.28 -25.95
C PHE B 306 12.03 -13.57 -26.69
N ARG B 307 11.68 -12.71 -27.65
CA ARG B 307 12.59 -11.68 -28.15
C ARG B 307 12.44 -10.43 -27.29
N GLY B 308 13.58 -9.87 -26.87
CA GLY B 308 13.58 -8.63 -26.13
C GLY B 308 14.54 -8.66 -24.97
N PRO B 309 14.58 -7.54 -24.24
CA PRO B 309 15.59 -7.39 -23.16
C PRO B 309 15.52 -8.45 -22.08
N PHE B 310 14.32 -8.94 -21.72
CA PHE B 310 14.18 -10.00 -20.73
C PHE B 310 14.23 -11.38 -21.37
N GLY B 311 14.50 -11.46 -22.67
CA GLY B 311 14.28 -12.68 -23.42
C GLY B 311 15.53 -13.50 -23.62
N ILE B 312 15.33 -14.61 -24.35
CA ILE B 312 16.41 -15.45 -24.82
C ILE B 312 16.94 -15.02 -26.18
N LEU B 313 16.19 -14.18 -26.90
CA LEU B 313 16.58 -13.72 -28.24
C LEU B 313 16.61 -12.20 -28.28
N ASP B 314 17.60 -11.67 -28.98
CA ASP B 314 17.68 -10.23 -29.24
C ASP B 314 17.66 -9.42 -27.93
N SER B 315 18.34 -9.89 -26.90
CA SER B 315 18.24 -9.26 -25.58
C SER B 315 19.26 -8.15 -25.37
N GLU B 316 20.19 -7.96 -26.31
CA GLU B 316 21.11 -6.82 -26.30
C GLU B 316 21.98 -6.77 -25.05
N ARG B 317 22.39 -7.95 -24.56
CA ARG B 317 23.33 -8.03 -23.45
C ARG B 317 24.73 -7.84 -23.98
N LYS B 318 25.52 -7.03 -23.26
CA LYS B 318 26.87 -6.72 -23.71
C LYS B 318 27.85 -7.88 -23.49
N ASP B 319 27.52 -8.86 -22.67
CA ASP B 319 28.51 -9.82 -22.19
C ASP B 319 28.12 -11.25 -22.54
N VAL B 320 27.39 -11.42 -23.66
CA VAL B 320 26.90 -12.70 -24.14
C VAL B 320 27.44 -12.98 -25.54
N GLU B 321 27.89 -14.22 -25.77
CA GLU B 321 28.34 -14.67 -27.09
C GLU B 321 27.10 -15.26 -27.78
N TYR B 322 26.41 -14.43 -28.56
CA TYR B 322 25.13 -14.82 -29.15
C TYR B 322 25.34 -15.78 -30.32
N GLU B 323 24.44 -16.76 -30.39
CA GLU B 323 24.38 -17.70 -31.50
C GLU B 323 23.47 -17.14 -32.59
N GLU B 324 23.86 -17.34 -33.83
CA GLU B 324 23.02 -16.98 -34.96
C GLU B 324 21.71 -17.75 -34.91
N TRP B 325 20.59 -17.05 -35.04
CA TRP B 325 19.31 -17.71 -35.05
C TRP B 325 18.40 -17.05 -36.09
N TYR B 326 18.59 -17.46 -37.35
CA TYR B 326 17.77 -17.04 -38.48
C TYR B 326 17.57 -15.52 -38.48
N GLY B 327 18.68 -14.80 -38.42
CA GLY B 327 18.65 -13.35 -38.42
C GLY B 327 18.53 -12.73 -37.05
N HIS B 328 18.28 -13.51 -36.02
CA HIS B 328 18.21 -13.06 -34.63
C HIS B 328 19.45 -13.50 -33.88
N LYS B 329 19.54 -13.09 -32.62
CA LYS B 329 20.68 -13.37 -31.75
C LYS B 329 20.19 -14.16 -30.54
N LEU B 330 20.70 -15.39 -30.40
CA LEU B 330 20.22 -16.34 -29.40
C LEU B 330 21.19 -16.47 -28.22
N ASP B 331 20.66 -16.26 -27.01
CA ASP B 331 21.37 -16.55 -25.76
C ASP B 331 21.17 -18.04 -25.47
N ARG B 332 22.07 -18.84 -26.02
CA ARG B 332 21.92 -20.29 -25.93
C ARG B 332 21.99 -20.78 -24.50
N LYS B 333 22.89 -20.20 -23.68
CA LYS B 333 23.01 -20.63 -22.30
C LYS B 333 21.69 -20.41 -21.55
N MET B 334 21.09 -19.22 -21.71
CA MET B 334 19.82 -18.98 -21.05
C MET B 334 18.74 -19.93 -21.56
N LEU B 335 18.68 -20.13 -22.88
CA LEU B 335 17.71 -21.08 -23.44
C LEU B 335 17.86 -22.46 -22.82
N GLU B 336 19.08 -22.99 -22.83
CA GLU B 336 19.25 -24.38 -22.37
C GLU B 336 18.96 -24.50 -20.88
N LEU B 337 19.24 -23.42 -20.12
CA LEU B 337 18.84 -23.42 -18.73
C LEU B 337 17.32 -23.59 -18.59
N LEU B 338 16.56 -22.83 -19.39
CA LEU B 338 15.11 -22.93 -19.33
C LEU B 338 14.63 -24.32 -19.77
N ARG B 339 15.24 -24.86 -20.83
CA ARG B 339 14.80 -26.14 -21.37
C ARG B 339 15.05 -27.29 -20.40
N LYS B 340 16.06 -27.12 -19.52
CA LYS B 340 16.47 -28.15 -18.58
C LYS B 340 15.54 -28.26 -17.38
N TYR B 341 14.74 -27.22 -17.14
CA TYR B 341 13.89 -27.11 -15.95
C TYR B 341 12.42 -26.95 -16.29
#